data_1S9B
# 
_entry.id   1S9B 
# 
_audit_conform.dict_name       mmcif_pdbx.dic 
_audit_conform.dict_version    5.389 
_audit_conform.dict_location   http://mmcif.pdb.org/dictionaries/ascii/mmcif_pdbx.dic 
# 
loop_
_database_2.database_id 
_database_2.database_code 
_database_2.pdbx_database_accession 
_database_2.pdbx_DOI 
PDB   1S9B         pdb_00001s9b 10.2210/pdb1s9b/pdb 
NDB   BD0069       ?            ?                   
RCSB  RCSB021529   ?            ?                   
WWPDB D_1000021529 ?            ?                   
# 
loop_
_pdbx_audit_revision_history.ordinal 
_pdbx_audit_revision_history.data_content_type 
_pdbx_audit_revision_history.major_revision 
_pdbx_audit_revision_history.minor_revision 
_pdbx_audit_revision_history.revision_date 
1 'Structure model' 1 0 2004-09-07 
2 'Structure model' 1 1 2008-04-29 
3 'Structure model' 1 2 2011-07-13 
4 'Structure model' 1 3 2024-02-14 
5 'Structure model' 1 4 2024-04-03 
# 
_pdbx_audit_revision_details.ordinal             1 
_pdbx_audit_revision_details.revision_ordinal    1 
_pdbx_audit_revision_details.data_content_type   'Structure model' 
_pdbx_audit_revision_details.provider            repository 
_pdbx_audit_revision_details.type                'Initial release' 
_pdbx_audit_revision_details.description         ? 
_pdbx_audit_revision_details.details             ? 
# 
loop_
_pdbx_audit_revision_group.ordinal 
_pdbx_audit_revision_group.revision_ordinal 
_pdbx_audit_revision_group.data_content_type 
_pdbx_audit_revision_group.group 
1 2 'Structure model' 'Version format compliance' 
2 3 'Structure model' 'Version format compliance' 
3 4 'Structure model' 'Data collection'           
4 4 'Structure model' 'Database references'       
5 4 'Structure model' 'Derived calculations'      
6 4 'Structure model' 'Refinement description'    
7 5 'Structure model' 'Refinement description'    
# 
loop_
_pdbx_audit_revision_category.ordinal 
_pdbx_audit_revision_category.revision_ordinal 
_pdbx_audit_revision_category.data_content_type 
_pdbx_audit_revision_category.category 
1 4 'Structure model' chem_comp_atom                
2 4 'Structure model' chem_comp_bond                
3 4 'Structure model' database_2                    
4 4 'Structure model' pdbx_struct_conn_angle        
5 4 'Structure model' struct_conn                   
6 4 'Structure model' struct_ncs_dom_lim            
7 4 'Structure model' struct_site                   
8 5 'Structure model' pdbx_initial_refinement_model 
# 
loop_
_pdbx_audit_revision_item.ordinal 
_pdbx_audit_revision_item.revision_ordinal 
_pdbx_audit_revision_item.data_content_type 
_pdbx_audit_revision_item.item 
1  4 'Structure model' '_database_2.pdbx_DOI'                        
2  4 'Structure model' '_database_2.pdbx_database_accession'         
3  4 'Structure model' '_pdbx_struct_conn_angle.ptnr1_auth_asym_id'  
4  4 'Structure model' '_pdbx_struct_conn_angle.ptnr1_auth_comp_id'  
5  4 'Structure model' '_pdbx_struct_conn_angle.ptnr1_auth_seq_id'   
6  4 'Structure model' '_pdbx_struct_conn_angle.ptnr1_label_asym_id' 
7  4 'Structure model' '_pdbx_struct_conn_angle.ptnr1_label_atom_id' 
8  4 'Structure model' '_pdbx_struct_conn_angle.ptnr1_label_comp_id' 
9  4 'Structure model' '_pdbx_struct_conn_angle.ptnr1_label_seq_id'  
10 4 'Structure model' '_pdbx_struct_conn_angle.ptnr2_auth_asym_id'  
11 4 'Structure model' '_pdbx_struct_conn_angle.ptnr2_auth_seq_id'   
12 4 'Structure model' '_pdbx_struct_conn_angle.ptnr2_label_asym_id' 
13 4 'Structure model' '_pdbx_struct_conn_angle.ptnr3_auth_asym_id'  
14 4 'Structure model' '_pdbx_struct_conn_angle.ptnr3_auth_comp_id'  
15 4 'Structure model' '_pdbx_struct_conn_angle.ptnr3_auth_seq_id'   
16 4 'Structure model' '_pdbx_struct_conn_angle.ptnr3_label_asym_id' 
17 4 'Structure model' '_pdbx_struct_conn_angle.ptnr3_label_atom_id' 
18 4 'Structure model' '_pdbx_struct_conn_angle.ptnr3_label_comp_id' 
19 4 'Structure model' '_pdbx_struct_conn_angle.ptnr3_label_seq_id'  
20 4 'Structure model' '_pdbx_struct_conn_angle.value'               
21 4 'Structure model' '_struct_conn.pdbx_dist_value'                
22 4 'Structure model' '_struct_conn.ptnr1_auth_asym_id'             
23 4 'Structure model' '_struct_conn.ptnr1_auth_comp_id'             
24 4 'Structure model' '_struct_conn.ptnr1_auth_seq_id'              
25 4 'Structure model' '_struct_conn.ptnr1_label_asym_id'            
26 4 'Structure model' '_struct_conn.ptnr1_label_atom_id'            
27 4 'Structure model' '_struct_conn.ptnr1_label_comp_id'            
28 4 'Structure model' '_struct_conn.ptnr1_label_seq_id'             
29 4 'Structure model' '_struct_conn.ptnr2_auth_asym_id'             
30 4 'Structure model' '_struct_conn.ptnr2_auth_comp_id'             
31 4 'Structure model' '_struct_conn.ptnr2_auth_seq_id'              
32 4 'Structure model' '_struct_conn.ptnr2_label_asym_id'            
33 4 'Structure model' '_struct_conn.ptnr2_label_atom_id'            
34 4 'Structure model' '_struct_conn.ptnr2_label_comp_id'            
35 4 'Structure model' '_struct_conn.ptnr2_label_seq_id'             
36 4 'Structure model' '_struct_ncs_dom_lim.beg_auth_comp_id'        
37 4 'Structure model' '_struct_ncs_dom_lim.end_auth_comp_id'        
38 4 'Structure model' '_struct_site.pdbx_auth_asym_id'              
39 4 'Structure model' '_struct_site.pdbx_auth_comp_id'              
40 4 'Structure model' '_struct_site.pdbx_auth_seq_id'               
# 
_pdbx_database_status.status_code                     REL 
_pdbx_database_status.entry_id                        1S9B 
_pdbx_database_status.recvd_initial_deposition_date   2004-02-04 
_pdbx_database_status.deposit_site                    RCSB 
_pdbx_database_status.process_site                    RCSB 
_pdbx_database_status.status_code_sf                  REL 
_pdbx_database_status.SG_entry                        . 
_pdbx_database_status.pdb_format_compatible           Y 
_pdbx_database_status.status_code_mr                  ? 
_pdbx_database_status.status_code_cs                  ? 
_pdbx_database_status.status_code_nmr_data            ? 
_pdbx_database_status.methods_development_category    ? 
# 
loop_
_audit_author.name 
_audit_author.pdbx_ordinal 
'Valls, N.'      1 
'Uson, I.'       2 
'Gouyette, C.'   3 
'Subirana, J.A.' 4 
# 
_citation.id                        primary 
_citation.title                     'A cubic arrangement of DNA double helices based on nickel-guanine interactions' 
_citation.journal_abbrev            J.Am.Chem.Soc. 
_citation.journal_volume            126 
_citation.page_first                7812 
_citation.page_last                 7816 
_citation.year                      2004 
_citation.journal_id_ASTM           JACSAT 
_citation.country                   US 
_citation.journal_id_ISSN           0002-7863 
_citation.journal_id_CSD            0004 
_citation.book_publisher            ? 
_citation.pdbx_database_id_PubMed   15212528 
_citation.pdbx_database_id_DOI      10.1021/ja049393i 
# 
loop_
_citation_author.citation_id 
_citation_author.name 
_citation_author.ordinal 
_citation_author.identifier_ORCID 
primary 'Valls, N.'      1 ? 
primary 'Uson, I.'       2 ? 
primary 'Gouyette, C.'   3 ? 
primary 'Subirana, J.A.' 4 ? 
# 
loop_
_entity.id 
_entity.type 
_entity.src_method 
_entity.pdbx_description 
_entity.formula_weight 
_entity.pdbx_number_of_molecules 
_entity.pdbx_ec 
_entity.pdbx_mutation 
_entity.pdbx_fragment 
_entity.details 
1 polymer     syn "5'-D(*GP*AP*AP*TP*TP*CP*G)-3'" 2137.435 2  ? ? ? ? 
2 non-polymer syn 'NICKEL (II) ION'               58.693   4  ? ? ? ? 
3 water       nat water                           18.015   20 ? ? ? ? 
# 
_entity_poly.entity_id                      1 
_entity_poly.type                           polydeoxyribonucleotide 
_entity_poly.nstd_linkage                   no 
_entity_poly.nstd_monomer                   no 
_entity_poly.pdbx_seq_one_letter_code       '(DG)(DA)(DA)(DT)(DT)(DC)(DG)' 
_entity_poly.pdbx_seq_one_letter_code_can   GAATTCG 
_entity_poly.pdbx_strand_id                 A,B 
_entity_poly.pdbx_target_identifier         ? 
# 
loop_
_pdbx_entity_nonpoly.entity_id 
_pdbx_entity_nonpoly.name 
_pdbx_entity_nonpoly.comp_id 
2 'NICKEL (II) ION' NI  
3 water             HOH 
# 
loop_
_entity_poly_seq.entity_id 
_entity_poly_seq.num 
_entity_poly_seq.mon_id 
_entity_poly_seq.hetero 
1 1 DG n 
1 2 DA n 
1 3 DA n 
1 4 DT n 
1 5 DT n 
1 6 DC n 
1 7 DG n 
# 
loop_
_chem_comp.id 
_chem_comp.type 
_chem_comp.mon_nstd_flag 
_chem_comp.name 
_chem_comp.pdbx_synonyms 
_chem_comp.formula 
_chem_comp.formula_weight 
DA  'DNA linking' y "2'-DEOXYADENOSINE-5'-MONOPHOSPHATE" ? 'C10 H14 N5 O6 P' 331.222 
DC  'DNA linking' y "2'-DEOXYCYTIDINE-5'-MONOPHOSPHATE"  ? 'C9 H14 N3 O7 P'  307.197 
DG  'DNA linking' y "2'-DEOXYGUANOSINE-5'-MONOPHOSPHATE" ? 'C10 H14 N5 O7 P' 347.221 
DT  'DNA linking' y "THYMIDINE-5'-MONOPHOSPHATE"         ? 'C10 H15 N2 O8 P' 322.208 
HOH non-polymer   . WATER                                ? 'H2 O'            18.015  
NI  non-polymer   . 'NICKEL (II) ION'                    ? 'Ni 2'            58.693  
# 
loop_
_pdbx_poly_seq_scheme.asym_id 
_pdbx_poly_seq_scheme.entity_id 
_pdbx_poly_seq_scheme.seq_id 
_pdbx_poly_seq_scheme.mon_id 
_pdbx_poly_seq_scheme.ndb_seq_num 
_pdbx_poly_seq_scheme.pdb_seq_num 
_pdbx_poly_seq_scheme.auth_seq_num 
_pdbx_poly_seq_scheme.pdb_mon_id 
_pdbx_poly_seq_scheme.auth_mon_id 
_pdbx_poly_seq_scheme.pdb_strand_id 
_pdbx_poly_seq_scheme.pdb_ins_code 
_pdbx_poly_seq_scheme.hetero 
A 1 1 DG 1 1 1 DG G A . n 
A 1 2 DA 2 2 2 DA A A . n 
A 1 3 DA 3 3 3 DA A A . n 
A 1 4 DT 4 4 4 DT T A . n 
A 1 5 DT 5 5 5 DT T A . n 
A 1 6 DC 6 6 6 DC C A . n 
A 1 7 DG 7 7 7 DG G A . n 
B 1 1 DG 1 1 1 DG G B . n 
B 1 2 DA 2 2 2 DA A B . n 
B 1 3 DA 3 3 3 DA A B . n 
B 1 4 DT 4 4 4 DT T B . n 
B 1 5 DT 5 5 5 DT T B . n 
B 1 6 DC 6 6 6 DC C B . n 
B 1 7 DG 7 7 7 DG G B . n 
# 
loop_
_pdbx_nonpoly_scheme.asym_id 
_pdbx_nonpoly_scheme.entity_id 
_pdbx_nonpoly_scheme.mon_id 
_pdbx_nonpoly_scheme.ndb_seq_num 
_pdbx_nonpoly_scheme.pdb_seq_num 
_pdbx_nonpoly_scheme.auth_seq_num 
_pdbx_nonpoly_scheme.pdb_mon_id 
_pdbx_nonpoly_scheme.auth_mon_id 
_pdbx_nonpoly_scheme.pdb_strand_id 
_pdbx_nonpoly_scheme.pdb_ins_code 
C 2 NI  1  101 1  NI  NI  A . 
D 2 NI  1  103 3  NI  NI  A . 
E 2 NI  1  102 2  NI  NI  B . 
F 2 NI  1  104 4  NI  NI  B . 
G 3 HOH 1  102 2  HOH HOH A . 
G 3 HOH 2  109 9  HOH HOH A . 
G 3 HOH 3  110 10 HOH HOH A . 
G 3 HOH 4  111 11 HOH HOH A . 
G 3 HOH 5  112 12 HOH HOH A . 
G 3 HOH 6  113 13 HOH HOH A . 
G 3 HOH 7  119 19 HOH HOH A . 
G 3 HOH 8  120 20 HOH HOH A . 
G 3 HOH 9  121 21 HOH HOH A . 
G 3 HOH 10 122 22 HOH HOH A . 
H 3 HOH 1  101 1  HOH HOH B . 
H 3 HOH 2  103 3  HOH HOH B . 
H 3 HOH 3  114 14 HOH HOH B . 
H 3 HOH 4  115 15 HOH HOH B . 
H 3 HOH 5  116 16 HOH HOH B . 
H 3 HOH 6  117 17 HOH HOH B . 
H 3 HOH 7  118 4  HOH HOH B . 
H 3 HOH 8  123 23 HOH HOH B . 
H 3 HOH 9  124 24 HOH HOH B . 
H 3 HOH 10 125 25 HOH HOH B . 
# 
loop_
_software.name 
_software.classification 
_software.version 
_software.citation_id 
_software.pdbx_ordinal 
REFMAC    refinement       5.1.24 ? 1 
DENZO     'data reduction' .      ? 2 
SCALEPACK 'data scaling'   .      ? 3 
SHELXD    phasing          .      ? 4 
SHELXE    'model building' .      ? 5 
# 
_cell.entry_id           1S9B 
_cell.length_a           70.867 
_cell.length_b           70.867 
_cell.length_c           70.867 
_cell.angle_alpha        90.00 
_cell.angle_beta         90.00 
_cell.angle_gamma        90.00 
_cell.Z_PDB              48 
_cell.pdbx_unique_axis   ? 
# 
_symmetry.entry_id                         1S9B 
_symmetry.space_group_name_H-M             'I 2 3' 
_symmetry.pdbx_full_space_group_name_H-M   ? 
_symmetry.cell_setting                     ? 
_symmetry.Int_Tables_number                197 
_symmetry.space_group_name_Hall            ? 
# 
_exptl.entry_id          1S9B 
_exptl.method            'X-RAY DIFFRACTION' 
_exptl.crystals_number   2 
# 
_exptl_crystal.id                    1 
_exptl_crystal.density_meas          ? 
_exptl_crystal.density_percent_sol   64.54 
_exptl_crystal.description           ? 
_exptl_crystal.density_Matthews      3.47 
_exptl_crystal.F_000                 ? 
_exptl_crystal.preparation           ? 
# 
_exptl_crystal_grow.crystal_id      1 
_exptl_crystal_grow.method          'VAPOR DIFFUSION, HANGING DROP' 
_exptl_crystal_grow.temp            293 
_exptl_crystal_grow.temp_details    ? 
_exptl_crystal_grow.pH              6.5 
_exptl_crystal_grow.pdbx_details    'MPD, Nickel Chloride, cacodylate, pH 6.5, VAPOR DIFFUSION, HANGING DROP, temperature 293K' 
_exptl_crystal_grow.pdbx_pH_range   . 
# 
loop_
_exptl_crystal_grow_comp.crystal_id 
_exptl_crystal_grow_comp.id 
_exptl_crystal_grow_comp.sol_id 
_exptl_crystal_grow_comp.name 
_exptl_crystal_grow_comp.volume 
_exptl_crystal_grow_comp.conc 
_exptl_crystal_grow_comp.details 
1 1 1 MPD               ? ? ? 
1 2 1 'Nickel Chloride' ? ? ? 
1 3 1 cacodylate        ? ? ? 
1 4 1 H2O               ? ? ? 
1 5 2 MPD               ? ? ? 
1 6 2 'Nickel Chloride' ? ? ? 
1 7 2 H2O               ? ? ? 
# 
loop_
_diffrn.id 
_diffrn.ambient_temp 
_diffrn.ambient_temp_details 
_diffrn.crystal_id 
1 ? ? 1 
2 ? ? 1 
# 
loop_
_diffrn_detector.diffrn_id 
_diffrn_detector.detector 
_diffrn_detector.type 
_diffrn_detector.pdbx_collection_date 
_diffrn_detector.details 
1 CCD MARRESEARCH 2002-09-10 ? 
2 CCD MARRESEARCH 2002-09-10 ? 
# 
_diffrn_radiation.diffrn_id                        2 
_diffrn_radiation.wavelength_id                    1 
_diffrn_radiation.pdbx_monochromatic_or_laue_m_l   M 
_diffrn_radiation.monochromator                    ? 
_diffrn_radiation.pdbx_diffrn_protocol             MAD 
_diffrn_radiation.pdbx_scattering_type             x-ray 
# 
loop_
_diffrn_radiation_wavelength.id 
_diffrn_radiation_wavelength.wavelength 
_diffrn_radiation_wavelength.wt 
1 1.00000 1.0 
2 1.48475 1.0 
3 1.48563 1.0 
4 1.31155 1.0 
# 
loop_
_diffrn_source.diffrn_id 
_diffrn_source.source 
_diffrn_source.type 
_diffrn_source.pdbx_synchrotron_site 
_diffrn_source.pdbx_synchrotron_beamline 
_diffrn_source.pdbx_wavelength 
_diffrn_source.pdbx_wavelength_list 
1 SYNCHROTRON 'ESRF BEAMLINE BM14' ESRF BM14 ? 1.00000                     
2 SYNCHROTRON 'ESRF BEAMLINE BM14' ESRF BM14 ? '1.48475, 1.48563, 1.31155' 
# 
_reflns.entry_id                     1S9B 
_reflns.observed_criterion_sigma_F   ? 
_reflns.observed_criterion_sigma_I   ? 
_reflns.d_resolution_high            2.81 
_reflns.d_resolution_low             22.4 
_reflns.number_all                   ? 
_reflns.number_obs                   1491 
_reflns.percent_possible_obs         97.4 
_reflns.pdbx_Rmerge_I_obs            ? 
_reflns.pdbx_Rsym_value              0.095 
_reflns.pdbx_netI_over_sigmaI        ? 
_reflns.B_iso_Wilson_estimate        ? 
_reflns.pdbx_redundancy              ? 
_reflns.R_free_details               ? 
_reflns.pdbx_chi_squared             ? 
_reflns.pdbx_scaling_rejects         ? 
_reflns.pdbx_diffrn_id               2 
_reflns.pdbx_ordinal                 1 
# 
_refine.entry_id                                 1S9B 
_refine.ls_number_reflns_obs                     1388 
_refine.ls_number_reflns_all                     ? 
_refine.pdbx_ls_sigma_I                          ? 
_refine.pdbx_ls_sigma_F                          ? 
_refine.pdbx_data_cutoff_high_absF               ? 
_refine.pdbx_data_cutoff_low_absF                ? 
_refine.pdbx_data_cutoff_high_rms_absF           ? 
_refine.ls_d_res_low                             22.4 
_refine.ls_d_res_high                            2.81 
_refine.ls_percent_reflns_obs                    95.73 
_refine.ls_R_factor_obs                          0.281 
_refine.ls_R_factor_all                          0.281 
_refine.ls_R_factor_R_work                       0.281 
_refine.ls_R_factor_R_free                       0.26428 
_refine.ls_R_factor_R_free_error                 ? 
_refine.ls_R_factor_R_free_error_details         ? 
_refine.ls_percent_reflns_R_free                 4.7 
_refine.ls_number_reflns_R_free                  69 
_refine.ls_number_parameters                     ? 
_refine.ls_number_restraints                     ? 
_refine.occupancy_min                            ? 
_refine.occupancy_max                            ? 
_refine.correlation_coeff_Fo_to_Fc               0.905 
_refine.correlation_coeff_Fo_to_Fc_free          0.906 
_refine.B_iso_mean                               36.940 
_refine.aniso_B[1][1]                            ? 
_refine.aniso_B[2][2]                            ? 
_refine.aniso_B[3][3]                            ? 
_refine.aniso_B[1][2]                            ? 
_refine.aniso_B[1][3]                            ? 
_refine.aniso_B[2][3]                            ? 
_refine.solvent_model_details                    'BABINET MODEL WITH MASK' 
_refine.solvent_model_param_ksol                 ? 
_refine.solvent_model_param_bsol                 ? 
_refine.pdbx_solvent_vdw_probe_radii             1.40 
_refine.pdbx_solvent_ion_probe_radii             0.80 
_refine.pdbx_solvent_shrinkage_radii             0.80 
_refine.pdbx_ls_cross_valid_method               THROUGHOUT 
_refine.details                                  ? 
_refine.pdbx_starting_model                      'ideal B-DNA' 
_refine.pdbx_method_to_determine_struct          MAD 
_refine.pdbx_isotropic_thermal_model             ? 
_refine.pdbx_stereochemistry_target_values       'MAXIMUM LIKELIHOOD WITH PHASES' 
_refine.pdbx_stereochem_target_val_spec_case     ? 
_refine.pdbx_R_Free_selection_details            RANDOM 
_refine.pdbx_overall_ESU_R                       1.150 
_refine.pdbx_overall_ESU_R_Free                  0.361 
_refine.overall_SU_ML                            0.207 
_refine.overall_SU_B                             11.090 
_refine.ls_redundancy_reflns_obs                 ? 
_refine.overall_SU_R_Cruickshank_DPI             ? 
_refine.overall_SU_R_free                        ? 
_refine.ls_wR_factor_R_free                      ? 
_refine.ls_wR_factor_R_work                      ? 
_refine.overall_FOM_free_R_set                   ? 
_refine.overall_FOM_work_R_set                   ? 
_refine.pdbx_refine_id                           'X-RAY DIFFRACTION' 
_refine.pdbx_diffrn_id                           2 
_refine.pdbx_TLS_residual_ADP_flag               ? 
_refine.pdbx_overall_phase_error                 ? 
_refine.pdbx_overall_SU_R_free_Cruickshank_DPI   ? 
_refine.pdbx_overall_SU_R_Blow_DPI               ? 
_refine.pdbx_overall_SU_R_free_Blow_DPI          ? 
# 
_refine_hist.pdbx_refine_id                   'X-RAY DIFFRACTION' 
_refine_hist.cycle_id                         LAST 
_refine_hist.pdbx_number_atoms_protein        0 
_refine_hist.pdbx_number_atoms_nucleic_acid   284 
_refine_hist.pdbx_number_atoms_ligand         4 
_refine_hist.number_atoms_solvent             20 
_refine_hist.number_atoms_total               308 
_refine_hist.d_res_high                       2.81 
_refine_hist.d_res_low                        22.4 
# 
loop_
_refine_ls_restr.type 
_refine_ls_restr.dev_ideal 
_refine_ls_restr.dev_ideal_target 
_refine_ls_restr.weight 
_refine_ls_restr.number 
_refine_ls_restr.pdbx_refine_id 
_refine_ls_restr.pdbx_restraint_function 
r_bond_refined_d         0.019 0.023 ? 396 'X-RAY DIFFRACTION' ? 
r_angle_refined_deg      3.124 3.000 ? 488 'X-RAY DIFFRACTION' ? 
r_chiral_restr           0.100 0.200 ? 42  'X-RAY DIFFRACTION' ? 
r_gen_planes_refined     0.010 0.020 ? 150 'X-RAY DIFFRACTION' ? 
r_nbd_refined            0.231 0.200 ? 110 'X-RAY DIFFRACTION' ? 
r_xyhbond_nbd_refined    0.202 0.200 ? 14  'X-RAY DIFFRACTION' ? 
r_symmetry_vdw_refined   0.245 0.200 ? 8   'X-RAY DIFFRACTION' ? 
r_symmetry_hbond_refined 0.078 0.200 ? 2   'X-RAY DIFFRACTION' ? 
r_mcbond_it              0.568 1.500 ? 35  'X-RAY DIFFRACTION' ? 
r_scbond_it              2.890 3.000 ? 325 'X-RAY DIFFRACTION' ? 
r_scangle_it             4.730 4.500 ? 488 'X-RAY DIFFRACTION' ? 
# 
loop_
_refine_ls_restr_ncs.dom_id 
_refine_ls_restr_ncs.pdbx_type 
_refine_ls_restr_ncs.pdbx_auth_asym_id 
_refine_ls_restr_ncs.pdbx_number 
_refine_ls_restr_ncs.rms_dev_position 
_refine_ls_restr_ncs.weight_position 
_refine_ls_restr_ncs.pdbx_ens_id 
_refine_ls_restr_ncs.pdbx_refine_id 
_refine_ls_restr_ncs.pdbx_ordinal 
_refine_ls_restr_ncs.ncs_model_details 
_refine_ls_restr_ncs.rms_dev_B_iso 
_refine_ls_restr_ncs.weight_B_iso 
_refine_ls_restr_ncs.pdbx_asym_id 
_refine_ls_restr_ncs.pdbx_rms 
_refine_ls_restr_ncs.pdbx_weight 
1 'tight positional' A 142 0.07 0.05 1 'X-RAY DIFFRACTION' 1 ? ? ? ? ? ? 
1 'tight thermal'    A 142 0.21 0.50 1 'X-RAY DIFFRACTION' 2 ? ? ? ? ? ? 
# 
_refine_ls_shell.pdbx_total_number_of_bins_used   20 
_refine_ls_shell.d_res_high                       2.815 
_refine_ls_shell.d_res_low                        2.887 
_refine_ls_shell.number_reflns_R_work             54 
_refine_ls_shell.R_factor_R_work                  0.425 
_refine_ls_shell.percent_reflns_obs               ? 
_refine_ls_shell.R_factor_R_free                  0.899 
_refine_ls_shell.R_factor_R_free_error            ? 
_refine_ls_shell.percent_reflns_R_free            ? 
_refine_ls_shell.number_reflns_R_free             3 
_refine_ls_shell.redundancy_reflns_obs            ? 
_refine_ls_shell.pdbx_refine_id                   'X-RAY DIFFRACTION' 
_refine_ls_shell.number_reflns_all                ? 
_refine_ls_shell.R_factor_all                     ? 
# 
loop_
_struct_ncs_dom.pdbx_ens_id 
_struct_ncs_dom.id 
_struct_ncs_dom.details 
1 1 A 
1 2 B 
# 
loop_
_struct_ncs_dom_lim.pdbx_ens_id 
_struct_ncs_dom_lim.dom_id 
_struct_ncs_dom_lim.pdbx_component_id 
_struct_ncs_dom_lim.beg_label_asym_id 
_struct_ncs_dom_lim.beg_label_comp_id 
_struct_ncs_dom_lim.beg_label_seq_id 
_struct_ncs_dom_lim.beg_label_alt_id 
_struct_ncs_dom_lim.end_label_asym_id 
_struct_ncs_dom_lim.end_label_comp_id 
_struct_ncs_dom_lim.end_label_seq_id 
_struct_ncs_dom_lim.end_label_alt_id 
_struct_ncs_dom_lim.beg_auth_asym_id 
_struct_ncs_dom_lim.beg_auth_comp_id 
_struct_ncs_dom_lim.beg_auth_seq_id 
_struct_ncs_dom_lim.end_auth_asym_id 
_struct_ncs_dom_lim.end_auth_comp_id 
_struct_ncs_dom_lim.end_auth_seq_id 
_struct_ncs_dom_lim.pdbx_refine_code 
_struct_ncs_dom_lim.selection_details 
1 1 1 A DG 1 . A DG 7 . A DG 1 A DG 7 0 ? 
1 2 1 B DG 1 . B DG 7 . B DG 1 B DG 7 0 ? 
# 
_struct_ncs_ens.id            1 
_struct_ncs_ens.details       ? 
_struct_ncs_ens.point_group   ? 
# 
_struct.entry_id                  1S9B 
_struct.title                     'Crystal Structure Analysis of the B-DNA GAATTCG' 
_struct.pdbx_model_details        ? 
_struct.pdbx_CASP_flag            ? 
_struct.pdbx_model_type_details   ? 
# 
_struct_keywords.entry_id        1S9B 
_struct_keywords.pdbx_keywords   DNA 
_struct_keywords.text            'DOUBLE HELIX, CUBIC DNA, NICKEL, DNA' 
# 
loop_
_struct_asym.id 
_struct_asym.pdbx_blank_PDB_chainid_flag 
_struct_asym.pdbx_modified 
_struct_asym.entity_id 
_struct_asym.details 
A N N 1 ? 
B N N 1 ? 
C N N 2 ? 
D N N 2 ? 
E N N 2 ? 
F N N 2 ? 
G N N 3 ? 
H N N 3 ? 
# 
_struct_ref.id                         1 
_struct_ref.entity_id                  1 
_struct_ref.db_name                    PDB 
_struct_ref.db_code                    1S9B 
_struct_ref.pdbx_db_accession          1S9B 
_struct_ref.pdbx_db_isoform            ? 
_struct_ref.pdbx_seq_one_letter_code   ? 
_struct_ref.pdbx_align_begin           ? 
# 
loop_
_struct_ref_seq.align_id 
_struct_ref_seq.ref_id 
_struct_ref_seq.pdbx_PDB_id_code 
_struct_ref_seq.pdbx_strand_id 
_struct_ref_seq.seq_align_beg 
_struct_ref_seq.pdbx_seq_align_beg_ins_code 
_struct_ref_seq.seq_align_end 
_struct_ref_seq.pdbx_seq_align_end_ins_code 
_struct_ref_seq.pdbx_db_accession 
_struct_ref_seq.db_align_beg 
_struct_ref_seq.pdbx_db_align_beg_ins_code 
_struct_ref_seq.db_align_end 
_struct_ref_seq.pdbx_db_align_end_ins_code 
_struct_ref_seq.pdbx_auth_seq_align_beg 
_struct_ref_seq.pdbx_auth_seq_align_end 
1 1 1S9B A 1 ? 7 ? 1S9B 1 ? 7 ? 1 7 
2 1 1S9B B 1 ? 7 ? 1S9B 1 ? 7 ? 1 7 
# 
_pdbx_struct_assembly.id                   1 
_pdbx_struct_assembly.details              author_defined_assembly 
_pdbx_struct_assembly.method_details       ? 
_pdbx_struct_assembly.oligomeric_details   dimeric 
_pdbx_struct_assembly.oligomeric_count     2 
# 
_pdbx_struct_assembly_gen.assembly_id       1 
_pdbx_struct_assembly_gen.oper_expression   1 
_pdbx_struct_assembly_gen.asym_id_list      A,B,C,D,E,F,G,H 
# 
_pdbx_struct_oper_list.id                   1 
_pdbx_struct_oper_list.type                 'identity operation' 
_pdbx_struct_oper_list.name                 1_555 
_pdbx_struct_oper_list.symmetry_operation   x,y,z 
_pdbx_struct_oper_list.matrix[1][1]         1.0000000000 
_pdbx_struct_oper_list.matrix[1][2]         0.0000000000 
_pdbx_struct_oper_list.matrix[1][3]         0.0000000000 
_pdbx_struct_oper_list.vector[1]            0.0000000000 
_pdbx_struct_oper_list.matrix[2][1]         0.0000000000 
_pdbx_struct_oper_list.matrix[2][2]         1.0000000000 
_pdbx_struct_oper_list.matrix[2][3]         0.0000000000 
_pdbx_struct_oper_list.vector[2]            0.0000000000 
_pdbx_struct_oper_list.matrix[3][1]         0.0000000000 
_pdbx_struct_oper_list.matrix[3][2]         0.0000000000 
_pdbx_struct_oper_list.matrix[3][3]         1.0000000000 
_pdbx_struct_oper_list.vector[3]            0.0000000000 
# 
_struct_biol.id                    1 
_struct_biol.pdbx_parent_biol_id   ? 
_struct_biol.details               ? 
# 
loop_
_struct_conn.id 
_struct_conn.conn_type_id 
_struct_conn.pdbx_leaving_atom_flag 
_struct_conn.pdbx_PDB_id 
_struct_conn.ptnr1_label_asym_id 
_struct_conn.ptnr1_label_comp_id 
_struct_conn.ptnr1_label_seq_id 
_struct_conn.ptnr1_label_atom_id 
_struct_conn.pdbx_ptnr1_label_alt_id 
_struct_conn.pdbx_ptnr1_PDB_ins_code 
_struct_conn.pdbx_ptnr1_standard_comp_id 
_struct_conn.ptnr1_symmetry 
_struct_conn.ptnr2_label_asym_id 
_struct_conn.ptnr2_label_comp_id 
_struct_conn.ptnr2_label_seq_id 
_struct_conn.ptnr2_label_atom_id 
_struct_conn.pdbx_ptnr2_label_alt_id 
_struct_conn.pdbx_ptnr2_PDB_ins_code 
_struct_conn.ptnr1_auth_asym_id 
_struct_conn.ptnr1_auth_comp_id 
_struct_conn.ptnr1_auth_seq_id 
_struct_conn.ptnr2_auth_asym_id 
_struct_conn.ptnr2_auth_comp_id 
_struct_conn.ptnr2_auth_seq_id 
_struct_conn.ptnr2_symmetry 
_struct_conn.pdbx_ptnr3_label_atom_id 
_struct_conn.pdbx_ptnr3_label_seq_id 
_struct_conn.pdbx_ptnr3_label_comp_id 
_struct_conn.pdbx_ptnr3_label_asym_id 
_struct_conn.pdbx_ptnr3_label_alt_id 
_struct_conn.pdbx_ptnr3_PDB_ins_code 
_struct_conn.details 
_struct_conn.pdbx_dist_value 
_struct_conn.pdbx_value_order 
_struct_conn.pdbx_role 
metalc1  metalc ? ? A DG  1 N7 ? ? ? 1_555 C NI  . NI ? ? A DG  1   A NI  101 1_555 ? ? ? ? ? ? ?            2.042 ? ? 
metalc2  metalc ? ? A DG  7 N7 ? ? ? 1_555 D NI  . NI ? ? A DG  7   A NI  103 1_555 ? ? ? ? ? ? ?            2.031 ? ? 
metalc3  metalc ? ? C NI  . NI ? ? ? 1_555 G HOH . O  ? ? A NI  101 A HOH 102 1_555 ? ? ? ? ? ? ?            2.018 ? ? 
metalc4  metalc ? ? C NI  . NI ? ? ? 1_555 G HOH . O  ? ? A NI  101 A HOH 110 1_555 ? ? ? ? ? ? ?            1.973 ? ? 
metalc5  metalc ? ? C NI  . NI ? ? ? 1_555 G HOH . O  ? ? A NI  101 A HOH 111 1_555 ? ? ? ? ? ? ?            1.994 ? ? 
metalc6  metalc ? ? C NI  . NI ? ? ? 1_555 G HOH . O  ? ? A NI  101 A HOH 112 1_555 ? ? ? ? ? ? ?            1.999 ? ? 
metalc7  metalc ? ? C NI  . NI ? ? ? 1_555 G HOH . O  ? ? A NI  101 A HOH 113 1_555 ? ? ? ? ? ? ?            2.016 ? ? 
metalc8  metalc ? ? D NI  . NI ? ? ? 1_555 G HOH . O  ? ? A NI  103 A HOH 109 1_555 ? ? ? ? ? ? ?            2.018 ? ? 
metalc9  metalc ? ? D NI  . NI ? ? ? 1_555 G HOH . O  ? ? A NI  103 A HOH 119 1_555 ? ? ? ? ? ? ?            2.010 ? ? 
metalc10 metalc ? ? D NI  . NI ? ? ? 1_555 G HOH . O  ? ? A NI  103 A HOH 120 1_555 ? ? ? ? ? ? ?            2.025 ? ? 
metalc11 metalc ? ? D NI  . NI ? ? ? 1_555 G HOH . O  ? ? A NI  103 A HOH 121 1_555 ? ? ? ? ? ? ?            2.013 ? ? 
metalc12 metalc ? ? D NI  . NI ? ? ? 1_555 G HOH . O  ? ? A NI  103 A HOH 122 1_555 ? ? ? ? ? ? ?            2.015 ? ? 
metalc13 metalc ? ? B DG  1 N7 ? ? ? 1_555 E NI  . NI ? ? B DG  1   B NI  102 1_555 ? ? ? ? ? ? ?            2.001 ? ? 
metalc14 metalc ? ? B DG  1 O6 ? ? ? 1_555 E NI  . NI ? ? B DG  1   B NI  102 1_555 ? ? ? ? ? ? ?            2.773 ? ? 
metalc15 metalc ? ? B DG  7 N7 ? ? ? 1_555 F NI  . NI ? ? B DG  7   B NI  104 1_555 ? ? ? ? ? ? ?            1.979 ? ? 
metalc16 metalc ? ? H HOH . O  ? ? ? 1_555 F NI  . NI ? ? B HOH 101 B NI  104 1_555 ? ? ? ? ? ? ?            2.012 ? ? 
metalc17 metalc ? ? E NI  . NI ? ? ? 1_555 H HOH . O  ? ? B NI  102 B HOH 114 1_555 ? ? ? ? ? ? ?            2.009 ? ? 
metalc18 metalc ? ? E NI  . NI ? ? ? 1_555 H HOH . O  ? ? B NI  102 B HOH 115 1_555 ? ? ? ? ? ? ?            2.000 ? ? 
metalc19 metalc ? ? E NI  . NI ? ? ? 1_555 H HOH . O  ? ? B NI  102 B HOH 116 1_555 ? ? ? ? ? ? ?            1.994 ? ? 
metalc20 metalc ? ? E NI  . NI ? ? ? 1_555 H HOH . O  ? ? B NI  102 B HOH 117 1_555 ? ? ? ? ? ? ?            2.026 ? ? 
metalc21 metalc ? ? E NI  . NI ? ? ? 1_555 H HOH . O  ? ? B NI  102 B HOH 118 1_555 ? ? ? ? ? ? ?            2.025 ? ? 
metalc22 metalc ? ? H HOH . O  ? ? ? 1_555 F NI  . NI ? ? B HOH 103 B NI  104 1_555 ? ? ? ? ? ? ?            2.019 ? ? 
metalc23 metalc ? ? F NI  . NI ? ? ? 1_555 H HOH . O  ? ? B NI  104 B HOH 123 1_555 ? ? ? ? ? ? ?            2.001 ? ? 
metalc24 metalc ? ? F NI  . NI ? ? ? 1_555 H HOH . O  ? ? B NI  104 B HOH 124 1_555 ? ? ? ? ? ? ?            1.994 ? ? 
metalc25 metalc ? ? F NI  . NI ? ? ? 1_555 H HOH . O  ? ? B NI  104 B HOH 125 1_555 ? ? ? ? ? ? ?            1.979 ? ? 
hydrog1  hydrog ? ? A DG  1 N1 ? ? ? 1_555 B DC  6 N3 ? ? A DG  1   B DC  6   1_555 ? ? ? ? ? ? WATSON-CRICK ?     ? ? 
hydrog2  hydrog ? ? A DG  1 N2 ? ? ? 1_555 B DC  6 O2 ? ? A DG  1   B DC  6   1_555 ? ? ? ? ? ? WATSON-CRICK ?     ? ? 
hydrog3  hydrog ? ? A DG  1 O6 ? ? ? 1_555 B DC  6 N4 ? ? A DG  1   B DC  6   1_555 ? ? ? ? ? ? WATSON-CRICK ?     ? ? 
hydrog4  hydrog ? ? A DA  2 N1 ? ? ? 1_555 B DT  5 N3 ? ? A DA  2   B DT  5   1_555 ? ? ? ? ? ? WATSON-CRICK ?     ? ? 
hydrog5  hydrog ? ? A DA  2 N6 ? ? ? 1_555 B DT  5 O4 ? ? A DA  2   B DT  5   1_555 ? ? ? ? ? ? WATSON-CRICK ?     ? ? 
hydrog6  hydrog ? ? A DA  3 N1 ? ? ? 1_555 B DT  4 N3 ? ? A DA  3   B DT  4   1_555 ? ? ? ? ? ? WATSON-CRICK ?     ? ? 
hydrog7  hydrog ? ? A DA  3 N6 ? ? ? 1_555 B DT  4 O4 ? ? A DA  3   B DT  4   1_555 ? ? ? ? ? ? WATSON-CRICK ?     ? ? 
hydrog8  hydrog ? ? A DT  4 N3 ? ? ? 1_555 B DA  3 N1 ? ? A DT  4   B DA  3   1_555 ? ? ? ? ? ? WATSON-CRICK ?     ? ? 
hydrog9  hydrog ? ? A DT  4 O4 ? ? ? 1_555 B DA  3 N6 ? ? A DT  4   B DA  3   1_555 ? ? ? ? ? ? WATSON-CRICK ?     ? ? 
hydrog10 hydrog ? ? A DT  5 N3 ? ? ? 1_555 B DA  2 N1 ? ? A DT  5   B DA  2   1_555 ? ? ? ? ? ? WATSON-CRICK ?     ? ? 
hydrog11 hydrog ? ? A DT  5 O4 ? ? ? 1_555 B DA  2 N6 ? ? A DT  5   B DA  2   1_555 ? ? ? ? ? ? WATSON-CRICK ?     ? ? 
hydrog12 hydrog ? ? A DC  6 N3 ? ? ? 1_555 B DG  1 N1 ? ? A DC  6   B DG  1   1_555 ? ? ? ? ? ? WATSON-CRICK ?     ? ? 
hydrog13 hydrog ? ? A DC  6 N4 ? ? ? 1_555 B DG  1 O6 ? ? A DC  6   B DG  1   1_555 ? ? ? ? ? ? WATSON-CRICK ?     ? ? 
hydrog14 hydrog ? ? A DC  6 O2 ? ? ? 1_555 B DG  1 N2 ? ? A DC  6   B DG  1   1_555 ? ? ? ? ? ? WATSON-CRICK ?     ? ? 
# 
loop_
_struct_conn_type.id 
_struct_conn_type.criteria 
_struct_conn_type.reference 
metalc ? ? 
hydrog ? ? 
# 
loop_
_pdbx_struct_conn_angle.id 
_pdbx_struct_conn_angle.ptnr1_label_atom_id 
_pdbx_struct_conn_angle.ptnr1_label_alt_id 
_pdbx_struct_conn_angle.ptnr1_label_asym_id 
_pdbx_struct_conn_angle.ptnr1_label_comp_id 
_pdbx_struct_conn_angle.ptnr1_label_seq_id 
_pdbx_struct_conn_angle.ptnr1_auth_atom_id 
_pdbx_struct_conn_angle.ptnr1_auth_asym_id 
_pdbx_struct_conn_angle.ptnr1_auth_comp_id 
_pdbx_struct_conn_angle.ptnr1_auth_seq_id 
_pdbx_struct_conn_angle.ptnr1_PDB_ins_code 
_pdbx_struct_conn_angle.ptnr1_symmetry 
_pdbx_struct_conn_angle.ptnr2_label_atom_id 
_pdbx_struct_conn_angle.ptnr2_label_alt_id 
_pdbx_struct_conn_angle.ptnr2_label_asym_id 
_pdbx_struct_conn_angle.ptnr2_label_comp_id 
_pdbx_struct_conn_angle.ptnr2_label_seq_id 
_pdbx_struct_conn_angle.ptnr2_auth_atom_id 
_pdbx_struct_conn_angle.ptnr2_auth_asym_id 
_pdbx_struct_conn_angle.ptnr2_auth_comp_id 
_pdbx_struct_conn_angle.ptnr2_auth_seq_id 
_pdbx_struct_conn_angle.ptnr2_PDB_ins_code 
_pdbx_struct_conn_angle.ptnr2_symmetry 
_pdbx_struct_conn_angle.ptnr3_label_atom_id 
_pdbx_struct_conn_angle.ptnr3_label_alt_id 
_pdbx_struct_conn_angle.ptnr3_label_asym_id 
_pdbx_struct_conn_angle.ptnr3_label_comp_id 
_pdbx_struct_conn_angle.ptnr3_label_seq_id 
_pdbx_struct_conn_angle.ptnr3_auth_atom_id 
_pdbx_struct_conn_angle.ptnr3_auth_asym_id 
_pdbx_struct_conn_angle.ptnr3_auth_comp_id 
_pdbx_struct_conn_angle.ptnr3_auth_seq_id 
_pdbx_struct_conn_angle.ptnr3_PDB_ins_code 
_pdbx_struct_conn_angle.ptnr3_symmetry 
_pdbx_struct_conn_angle.value 
_pdbx_struct_conn_angle.value_esd 
1  N7 ? A DG  1 ? A DG  1   ? 1_555 NI ? C NI . ? A NI 101 ? 1_555 O  ? G HOH . ? A HOH 102 ? 1_555 142.3 ? 
2  N7 ? A DG  1 ? A DG  1   ? 1_555 NI ? C NI . ? A NI 101 ? 1_555 O  ? G HOH . ? A HOH 110 ? 1_555 94.3  ? 
3  O  ? G HOH . ? A HOH 102 ? 1_555 NI ? C NI . ? A NI 101 ? 1_555 O  ? G HOH . ? A HOH 110 ? 1_555 84.6  ? 
4  N7 ? A DG  1 ? A DG  1   ? 1_555 NI ? C NI . ? A NI 101 ? 1_555 O  ? G HOH . ? A HOH 111 ? 1_555 59.5  ? 
5  O  ? G HOH . ? A HOH 102 ? 1_555 NI ? C NI . ? A NI 101 ? 1_555 O  ? G HOH . ? A HOH 111 ? 1_555 150.0 ? 
6  O  ? G HOH . ? A HOH 110 ? 1_555 NI ? C NI . ? A NI 101 ? 1_555 O  ? G HOH . ? A HOH 111 ? 1_555 71.0  ? 
7  N7 ? A DG  1 ? A DG  1   ? 1_555 NI ? C NI . ? A NI 101 ? 1_555 O  ? G HOH . ? A HOH 112 ? 1_555 59.7  ? 
8  O  ? G HOH . ? A HOH 102 ? 1_555 NI ? C NI . ? A NI 101 ? 1_555 O  ? G HOH . ? A HOH 112 ? 1_555 132.9 ? 
9  O  ? G HOH . ? A HOH 110 ? 1_555 NI ? C NI . ? A NI 101 ? 1_555 O  ? G HOH . ? A HOH 112 ? 1_555 142.3 ? 
10 O  ? G HOH . ? A HOH 111 ? 1_555 NI ? C NI . ? A NI 101 ? 1_555 O  ? G HOH . ? A HOH 112 ? 1_555 72.1  ? 
11 N7 ? A DG  1 ? A DG  1   ? 1_555 NI ? C NI . ? A NI 101 ? 1_555 O  ? G HOH . ? A HOH 113 ? 1_555 134.0 ? 
12 O  ? G HOH . ? A HOH 102 ? 1_555 NI ? C NI . ? A NI 101 ? 1_555 O  ? G HOH . ? A HOH 113 ? 1_555 82.9  ? 
13 O  ? G HOH . ? A HOH 110 ? 1_555 NI ? C NI . ? A NI 101 ? 1_555 O  ? G HOH . ? A HOH 113 ? 1_555 99.5  ? 
14 O  ? G HOH . ? A HOH 111 ? 1_555 NI ? C NI . ? A NI 101 ? 1_555 O  ? G HOH . ? A HOH 113 ? 1_555 84.1  ? 
15 O  ? G HOH . ? A HOH 112 ? 1_555 NI ? C NI . ? A NI 101 ? 1_555 O  ? G HOH . ? A HOH 113 ? 1_555 84.1  ? 
16 N7 ? A DG  7 ? A DG  7   ? 1_555 NI ? D NI . ? A NI 103 ? 1_555 O  ? G HOH . ? A HOH 109 ? 1_555 66.2  ? 
17 N7 ? A DG  7 ? A DG  7   ? 1_555 NI ? D NI . ? A NI 103 ? 1_555 O  ? G HOH . ? A HOH 119 ? 1_555 153.1 ? 
18 O  ? G HOH . ? A HOH 109 ? 1_555 NI ? D NI . ? A NI 103 ? 1_555 O  ? G HOH . ? A HOH 119 ? 1_555 129.7 ? 
19 N7 ? A DG  7 ? A DG  7   ? 1_555 NI ? D NI . ? A NI 103 ? 1_555 O  ? G HOH . ? A HOH 120 ? 1_555 82.4  ? 
20 O  ? G HOH . ? A HOH 109 ? 1_555 NI ? D NI . ? A NI 103 ? 1_555 O  ? G HOH . ? A HOH 120 ? 1_555 146.9 ? 
21 O  ? G HOH . ? A HOH 119 ? 1_555 NI ? D NI . ? A NI 103 ? 1_555 O  ? G HOH . ? A HOH 120 ? 1_555 83.3  ? 
22 N7 ? A DG  7 ? A DG  7   ? 1_555 NI ? D NI . ? A NI 103 ? 1_555 O  ? G HOH . ? A HOH 121 ? 1_555 117.1 ? 
23 O  ? G HOH . ? A HOH 109 ? 1_555 NI ? D NI . ? A NI 103 ? 1_555 O  ? G HOH . ? A HOH 121 ? 1_555 101.3 ? 
24 O  ? G HOH . ? A HOH 119 ? 1_555 NI ? D NI . ? A NI 103 ? 1_555 O  ? G HOH . ? A HOH 121 ? 1_555 83.6  ? 
25 O  ? G HOH . ? A HOH 120 ? 1_555 NI ? D NI . ? A NI 103 ? 1_555 O  ? G HOH . ? A HOH 121 ? 1_555 83.2  ? 
26 N7 ? A DG  7 ? A DG  7   ? 1_555 NI ? D NI . ? A NI 103 ? 1_555 O  ? G HOH . ? A HOH 122 ? 1_555 63.2  ? 
27 O  ? G HOH . ? A HOH 109 ? 1_555 NI ? D NI . ? A NI 103 ? 1_555 O  ? G HOH . ? A HOH 122 ? 1_555 83.1  ? 
28 O  ? G HOH . ? A HOH 119 ? 1_555 NI ? D NI . ? A NI 103 ? 1_555 O  ? G HOH . ? A HOH 122 ? 1_555 94.7  ? 
29 O  ? G HOH . ? A HOH 120 ? 1_555 NI ? D NI . ? A NI 103 ? 1_555 O  ? G HOH . ? A HOH 122 ? 1_555 92.3  ? 
30 O  ? G HOH . ? A HOH 121 ? 1_555 NI ? D NI . ? A NI 103 ? 1_555 O  ? G HOH . ? A HOH 122 ? 1_555 175.3 ? 
31 N7 ? B DG  1 ? B DG  1   ? 1_555 NI ? E NI . ? B NI 102 ? 1_555 O6 ? B DG  1 ? B DG  1   ? 1_555 71.8  ? 
32 N7 ? B DG  1 ? B DG  1   ? 1_555 NI ? E NI . ? B NI 102 ? 1_555 O  ? H HOH . ? B HOH 114 ? 1_555 124.2 ? 
33 O6 ? B DG  1 ? B DG  1   ? 1_555 NI ? E NI . ? B NI 102 ? 1_555 O  ? H HOH . ? B HOH 114 ? 1_555 54.9  ? 
34 N7 ? B DG  1 ? B DG  1   ? 1_555 NI ? E NI . ? B NI 102 ? 1_555 O  ? H HOH . ? B HOH 115 ? 1_555 125.4 ? 
35 O6 ? B DG  1 ? B DG  1   ? 1_555 NI ? E NI . ? B NI 102 ? 1_555 O  ? H HOH . ? B HOH 115 ? 1_555 121.0 ? 
36 O  ? H HOH . ? B HOH 114 ? 1_555 NI ? E NI . ? B NI 102 ? 1_555 O  ? H HOH . ? B HOH 115 ? 1_555 97.6  ? 
37 N7 ? B DG  1 ? B DG  1   ? 1_555 NI ? E NI . ? B NI 102 ? 1_555 O  ? H HOH . ? B HOH 116 ? 1_555 68.0  ? 
38 O6 ? B DG  1 ? B DG  1   ? 1_555 NI ? E NI . ? B NI 102 ? 1_555 O  ? H HOH . ? B HOH 116 ? 1_555 78.1  ? 
39 O  ? H HOH . ? B HOH 114 ? 1_555 NI ? E NI . ? B NI 102 ? 1_555 O  ? H HOH . ? B HOH 116 ? 1_555 84.9  ? 
40 O  ? H HOH . ? B HOH 115 ? 1_555 NI ? E NI . ? B NI 102 ? 1_555 O  ? H HOH . ? B HOH 116 ? 1_555 158.2 ? 
41 N7 ? B DG  1 ? B DG  1   ? 1_555 NI ? E NI . ? B NI 102 ? 1_555 O  ? H HOH . ? B HOH 117 ? 1_555 145.4 ? 
42 O6 ? B DG  1 ? B DG  1   ? 1_555 NI ? E NI . ? B NI 102 ? 1_555 O  ? H HOH . ? B HOH 117 ? 1_555 138.2 ? 
43 O  ? H HOH . ? B HOH 114 ? 1_555 NI ? E NI . ? B NI 102 ? 1_555 O  ? H HOH . ? B HOH 117 ? 1_555 83.4  ? 
44 O  ? H HOH . ? B HOH 115 ? 1_555 NI ? E NI . ? B NI 102 ? 1_555 O  ? H HOH . ? B HOH 117 ? 1_555 61.3  ? 
45 O  ? H HOH . ? B HOH 116 ? 1_555 NI ? E NI . ? B NI 102 ? 1_555 O  ? H HOH . ? B HOH 117 ? 1_555 97.7  ? 
46 N7 ? B DG  1 ? B DG  1   ? 1_555 NI ? E NI . ? B NI 102 ? 1_555 O  ? H HOH . ? B HOH 118 ? 1_555 65.9  ? 
47 O6 ? B DG  1 ? B DG  1   ? 1_555 NI ? E NI . ? B NI 102 ? 1_555 O  ? H HOH . ? B HOH 118 ? 1_555 137.7 ? 
48 O  ? H HOH . ? B HOH 114 ? 1_555 NI ? E NI . ? B NI 102 ? 1_555 O  ? H HOH . ? B HOH 118 ? 1_555 163.2 ? 
49 O  ? H HOH . ? B HOH 115 ? 1_555 NI ? E NI . ? B NI 102 ? 1_555 O  ? H HOH . ? B HOH 118 ? 1_555 84.0  ? 
50 O  ? H HOH . ? B HOH 116 ? 1_555 NI ? E NI . ? B NI 102 ? 1_555 O  ? H HOH . ? B HOH 118 ? 1_555 87.5  ? 
51 O  ? H HOH . ? B HOH 117 ? 1_555 NI ? E NI . ? B NI 102 ? 1_555 O  ? H HOH . ? B HOH 118 ? 1_555 82.7  ? 
52 N7 ? B DG  7 ? B DG  7   ? 1_555 NI ? F NI . ? B NI 104 ? 1_555 O  ? H HOH . ? B HOH 101 ? 1_555 89.6  ? 
53 N7 ? B DG  7 ? B DG  7   ? 1_555 NI ? F NI . ? B NI 104 ? 1_555 O  ? H HOH . ? B HOH 103 ? 1_555 114.5 ? 
54 O  ? H HOH . ? B HOH 101 ? 1_555 NI ? F NI . ? B NI 104 ? 1_555 O  ? H HOH . ? B HOH 103 ? 1_555 83.4  ? 
55 N7 ? B DG  7 ? B DG  7   ? 1_555 NI ? F NI . ? B NI 104 ? 1_555 O  ? H HOH . ? B HOH 123 ? 1_555 57.8  ? 
56 O  ? H HOH . ? B HOH 101 ? 1_555 NI ? F NI . ? B NI 104 ? 1_555 O  ? H HOH . ? B HOH 123 ? 1_555 113.7 ? 
57 O  ? H HOH . ? B HOH 103 ? 1_555 NI ? F NI . ? B NI 104 ? 1_555 O  ? H HOH . ? B HOH 123 ? 1_555 159.8 ? 
58 N7 ? B DG  7 ? B DG  7   ? 1_555 NI ? F NI . ? B NI 104 ? 1_555 O  ? H HOH . ? B HOH 124 ? 1_555 134.8 ? 
59 O  ? H HOH . ? B HOH 101 ? 1_555 NI ? F NI . ? B NI 104 ? 1_555 O  ? H HOH . ? B HOH 124 ? 1_555 84.8  ? 
60 O  ? H HOH . ? B HOH 103 ? 1_555 NI ? F NI . ? B NI 104 ? 1_555 O  ? H HOH . ? B HOH 124 ? 1_555 109.3 ? 
61 O  ? H HOH . ? B HOH 123 ? 1_555 NI ? F NI . ? B NI 104 ? 1_555 O  ? H HOH . ? B HOH 124 ? 1_555 83.9  ? 
62 N7 ? B DG  7 ? B DG  7   ? 1_555 NI ? F NI . ? B NI 104 ? 1_555 O  ? H HOH . ? B HOH 125 ? 1_555 85.5  ? 
63 O  ? H HOH . ? B HOH 101 ? 1_555 NI ? F NI . ? B NI 104 ? 1_555 O  ? H HOH . ? B HOH 125 ? 1_555 162.0 ? 
64 O  ? H HOH . ? B HOH 103 ? 1_555 NI ? F NI . ? B NI 104 ? 1_555 O  ? H HOH . ? B HOH 125 ? 1_555 114.4 ? 
65 O  ? H HOH . ? B HOH 123 ? 1_555 NI ? F NI . ? B NI 104 ? 1_555 O  ? H HOH . ? B HOH 125 ? 1_555 49.5  ? 
66 O  ? H HOH . ? B HOH 124 ? 1_555 NI ? F NI . ? B NI 104 ? 1_555 O  ? H HOH . ? B HOH 125 ? 1_555 86.4  ? 
# 
loop_
_struct_site.id 
_struct_site.pdbx_evidence_code 
_struct_site.pdbx_auth_asym_id 
_struct_site.pdbx_auth_comp_id 
_struct_site.pdbx_auth_seq_id 
_struct_site.pdbx_auth_ins_code 
_struct_site.pdbx_num_residues 
_struct_site.details 
AC1 Software A NI 101 ? 6 'BINDING SITE FOR RESIDUE NI A 101' 
AC2 Software B NI 102 ? 6 'BINDING SITE FOR RESIDUE NI B 102' 
AC3 Software A NI 103 ? 6 'BINDING SITE FOR RESIDUE NI A 103' 
AC4 Software B NI 104 ? 6 'BINDING SITE FOR RESIDUE NI B 104' 
# 
loop_
_struct_site_gen.id 
_struct_site_gen.site_id 
_struct_site_gen.pdbx_num_res 
_struct_site_gen.label_comp_id 
_struct_site_gen.label_asym_id 
_struct_site_gen.label_seq_id 
_struct_site_gen.pdbx_auth_ins_code 
_struct_site_gen.auth_comp_id 
_struct_site_gen.auth_asym_id 
_struct_site_gen.auth_seq_id 
_struct_site_gen.label_atom_id 
_struct_site_gen.label_alt_id 
_struct_site_gen.symmetry 
_struct_site_gen.details 
1  AC1 6 DG  A 1 ? DG  A 1   . ? 1_555 ? 
2  AC1 6 HOH G . ? HOH A 102 . ? 1_555 ? 
3  AC1 6 HOH G . ? HOH A 110 . ? 1_555 ? 
4  AC1 6 HOH G . ? HOH A 111 . ? 1_555 ? 
5  AC1 6 HOH G . ? HOH A 112 . ? 1_555 ? 
6  AC1 6 HOH G . ? HOH A 113 . ? 1_555 ? 
7  AC2 6 DG  B 1 ? DG  B 1   . ? 1_555 ? 
8  AC2 6 HOH H . ? HOH B 114 . ? 1_555 ? 
9  AC2 6 HOH H . ? HOH B 115 . ? 1_555 ? 
10 AC2 6 HOH H . ? HOH B 116 . ? 1_555 ? 
11 AC2 6 HOH H . ? HOH B 117 . ? 1_555 ? 
12 AC2 6 HOH H . ? HOH B 118 . ? 1_555 ? 
13 AC3 6 DG  A 7 ? DG  A 7   . ? 1_555 ? 
14 AC3 6 HOH G . ? HOH A 109 . ? 1_555 ? 
15 AC3 6 HOH G . ? HOH A 119 . ? 1_555 ? 
16 AC3 6 HOH G . ? HOH A 120 . ? 1_555 ? 
17 AC3 6 HOH G . ? HOH A 121 . ? 1_555 ? 
18 AC3 6 HOH G . ? HOH A 122 . ? 1_555 ? 
19 AC4 6 DG  B 7 ? DG  B 7   . ? 1_555 ? 
20 AC4 6 HOH H . ? HOH B 101 . ? 1_555 ? 
21 AC4 6 HOH H . ? HOH B 103 . ? 1_555 ? 
22 AC4 6 HOH H . ? HOH B 123 . ? 1_555 ? 
23 AC4 6 HOH H . ? HOH B 124 . ? 1_555 ? 
24 AC4 6 HOH H . ? HOH B 125 . ? 1_555 ? 
# 
loop_
_pdbx_validate_rmsd_bond.id 
_pdbx_validate_rmsd_bond.PDB_model_num 
_pdbx_validate_rmsd_bond.auth_atom_id_1 
_pdbx_validate_rmsd_bond.auth_asym_id_1 
_pdbx_validate_rmsd_bond.auth_comp_id_1 
_pdbx_validate_rmsd_bond.auth_seq_id_1 
_pdbx_validate_rmsd_bond.PDB_ins_code_1 
_pdbx_validate_rmsd_bond.label_alt_id_1 
_pdbx_validate_rmsd_bond.auth_atom_id_2 
_pdbx_validate_rmsd_bond.auth_asym_id_2 
_pdbx_validate_rmsd_bond.auth_comp_id_2 
_pdbx_validate_rmsd_bond.auth_seq_id_2 
_pdbx_validate_rmsd_bond.PDB_ins_code_2 
_pdbx_validate_rmsd_bond.label_alt_id_2 
_pdbx_validate_rmsd_bond.bond_value 
_pdbx_validate_rmsd_bond.bond_target_value 
_pdbx_validate_rmsd_bond.bond_deviation 
_pdbx_validate_rmsd_bond.bond_standard_deviation 
_pdbx_validate_rmsd_bond.linker_flag 
1 1 "O3'" A DA 2 ? ? "C3'" A DA 2 ? ? 1.374 1.419 -0.045 0.006 N 
2 1 "O3'" A DA 3 ? ? "C3'" A DA 3 ? ? 1.363 1.419 -0.056 0.006 N 
3 1 "O3'" A DT 4 ? ? "C3'" A DT 4 ? ? 1.375 1.419 -0.044 0.006 N 
4 1 N3    B DA 2 ? ? C4    B DA 2 ? ? 1.296 1.344 -0.048 0.006 N 
# 
loop_
_pdbx_validate_rmsd_angle.id 
_pdbx_validate_rmsd_angle.PDB_model_num 
_pdbx_validate_rmsd_angle.auth_atom_id_1 
_pdbx_validate_rmsd_angle.auth_asym_id_1 
_pdbx_validate_rmsd_angle.auth_comp_id_1 
_pdbx_validate_rmsd_angle.auth_seq_id_1 
_pdbx_validate_rmsd_angle.PDB_ins_code_1 
_pdbx_validate_rmsd_angle.label_alt_id_1 
_pdbx_validate_rmsd_angle.auth_atom_id_2 
_pdbx_validate_rmsd_angle.auth_asym_id_2 
_pdbx_validate_rmsd_angle.auth_comp_id_2 
_pdbx_validate_rmsd_angle.auth_seq_id_2 
_pdbx_validate_rmsd_angle.PDB_ins_code_2 
_pdbx_validate_rmsd_angle.label_alt_id_2 
_pdbx_validate_rmsd_angle.auth_atom_id_3 
_pdbx_validate_rmsd_angle.auth_asym_id_3 
_pdbx_validate_rmsd_angle.auth_comp_id_3 
_pdbx_validate_rmsd_angle.auth_seq_id_3 
_pdbx_validate_rmsd_angle.PDB_ins_code_3 
_pdbx_validate_rmsd_angle.label_alt_id_3 
_pdbx_validate_rmsd_angle.angle_value 
_pdbx_validate_rmsd_angle.angle_target_value 
_pdbx_validate_rmsd_angle.angle_deviation 
_pdbx_validate_rmsd_angle.angle_standard_deviation 
_pdbx_validate_rmsd_angle.linker_flag 
1  1 "O4'" A DG 1 ? ? "C1'" A DG 1 ? ? N9    A DG 1 ? ? 111.60 108.30 3.30  0.30 N 
2  1 C5    A DG 1 ? ? C6    A DG 1 ? ? N1    A DG 1 ? ? 114.93 111.50 3.43  0.50 N 
3  1 "O5'" A DA 2 ? ? "C5'" A DA 2 ? ? "C4'" A DA 2 ? ? 99.99  109.40 -9.41 0.80 N 
4  1 "C3'" A DA 2 ? ? "O3'" A DA 2 ? ? P     A DA 3 ? ? 111.34 119.70 -8.36 1.20 Y 
5  1 "O5'" A DA 3 ? ? "C5'" A DA 3 ? ? "C4'" A DA 3 ? ? 103.23 109.40 -6.17 0.80 N 
6  1 "O4'" A DA 3 ? ? "C1'" A DA 3 ? ? "C2'" A DA 3 ? ? 97.98  105.90 -7.92 0.80 N 
7  1 "O4'" A DA 3 ? ? "C1'" A DA 3 ? ? N9    A DA 3 ? ? 100.62 108.00 -7.38 0.70 N 
8  1 C2    A DT 5 ? ? N3    A DT 5 ? ? C4    A DT 5 ? ? 123.30 127.20 -3.90 0.60 N 
9  1 N3    A DT 5 ? ? C4    A DT 5 ? ? O4    A DT 5 ? ? 123.95 119.90 4.05  0.60 N 
10 1 C5    A DT 5 ? ? C4    A DT 5 ? ? O4    A DT 5 ? ? 119.71 124.90 -5.19 0.70 N 
11 1 N3    A DC 6 ? ? C4    A DC 6 ? ? N4    A DC 6 ? ? 111.97 118.00 -6.03 0.70 N 
12 1 C2    A DC 6 ? ? N1    A DC 6 ? ? "C1'" A DC 6 ? ? 112.15 118.80 -6.65 1.10 N 
13 1 C4    A DG 7 ? ? C5    A DG 7 ? ? N7    A DG 7 ? ? 113.72 110.80 2.92  0.40 N 
14 1 C5    A DG 7 ? ? N7    A DG 7 ? ? C8    A DG 7 ? ? 100.56 104.30 -3.74 0.50 N 
15 1 N1    A DG 7 ? ? C6    A DG 7 ? ? O6    A DG 7 ? ? 124.14 119.90 4.24  0.60 N 
16 1 C5    A DG 7 ? ? C6    A DG 7 ? ? O6    A DG 7 ? ? 122.41 128.60 -6.19 0.60 N 
17 1 C6    B DG 1 ? ? N1    B DG 1 ? ? C2    B DG 1 ? ? 121.44 125.10 -3.66 0.60 N 
18 1 N1    B DG 1 ? ? C6    B DG 1 ? ? O6    B DG 1 ? ? 124.43 119.90 4.53  0.60 N 
19 1 C5    B DG 1 ? ? C6    B DG 1 ? ? O6    B DG 1 ? ? 122.03 128.60 -6.57 0.60 N 
20 1 "O5'" B DA 2 ? ? "C5'" B DA 2 ? ? "C4'" B DA 2 ? ? 103.49 109.40 -5.91 0.80 N 
21 1 "O4'" B DA 2 ? ? "C4'" B DA 2 ? ? "C3'" B DA 2 ? ? 101.66 104.50 -2.84 0.40 N 
22 1 "O4'" B DA 2 ? ? "C1'" B DA 2 ? ? "C2'" B DA 2 ? ? 100.15 105.90 -5.75 0.80 N 
23 1 C6    B DA 2 ? ? N1    B DA 2 ? ? C2    B DA 2 ? ? 114.67 118.60 -3.93 0.60 N 
24 1 "O4'" B DA 3 ? ? "C1'" B DA 3 ? ? "C2'" B DA 3 ? ? 97.96  105.90 -7.94 0.80 N 
25 1 "O4'" B DA 3 ? ? "C1'" B DA 3 ? ? N9    B DA 3 ? ? 101.13 108.00 -6.87 0.70 N 
26 1 "O4'" B DT 4 ? ? "C1'" B DT 4 ? ? "C2'" B DT 4 ? ? 100.33 105.90 -5.57 0.80 N 
27 1 N1    B DT 4 ? ? C2    B DT 4 ? ? N3    B DT 4 ? ? 118.70 114.60 4.10  0.60 N 
28 1 C2    B DT 4 ? ? N3    B DT 4 ? ? C4    B DT 4 ? ? 122.96 127.20 -4.24 0.60 N 
29 1 C5    B DT 4 ? ? C6    B DT 4 ? ? N1    B DT 4 ? ? 118.91 123.70 -4.79 0.60 N 
30 1 C5    B DT 4 ? ? C4    B DT 4 ? ? O4    B DT 4 ? ? 120.41 124.90 -4.49 0.70 N 
31 1 C4    B DT 4 ? ? C5    B DT 4 ? ? C7    B DT 4 ? ? 114.04 119.00 -4.96 0.60 N 
32 1 "O4'" B DC 6 ? ? "C1'" B DC 6 ? ? N1    B DC 6 ? ? 110.46 108.30 2.16  0.30 N 
33 1 C5    B DG 7 ? ? C6    B DG 7 ? ? O6    B DG 7 ? ? 124.59 128.60 -4.01 0.60 N 
# 
loop_
_chem_comp_atom.comp_id 
_chem_comp_atom.atom_id 
_chem_comp_atom.type_symbol 
_chem_comp_atom.pdbx_aromatic_flag 
_chem_comp_atom.pdbx_stereo_config 
_chem_comp_atom.pdbx_ordinal 
DA  OP3    O  N N 1   
DA  P      P  N N 2   
DA  OP1    O  N N 3   
DA  OP2    O  N N 4   
DA  "O5'"  O  N N 5   
DA  "C5'"  C  N N 6   
DA  "C4'"  C  N R 7   
DA  "O4'"  O  N N 8   
DA  "C3'"  C  N S 9   
DA  "O3'"  O  N N 10  
DA  "C2'"  C  N N 11  
DA  "C1'"  C  N R 12  
DA  N9     N  Y N 13  
DA  C8     C  Y N 14  
DA  N7     N  Y N 15  
DA  C5     C  Y N 16  
DA  C6     C  Y N 17  
DA  N6     N  N N 18  
DA  N1     N  Y N 19  
DA  C2     C  Y N 20  
DA  N3     N  Y N 21  
DA  C4     C  Y N 22  
DA  HOP3   H  N N 23  
DA  HOP2   H  N N 24  
DA  "H5'"  H  N N 25  
DA  "H5''" H  N N 26  
DA  "H4'"  H  N N 27  
DA  "H3'"  H  N N 28  
DA  "HO3'" H  N N 29  
DA  "H2'"  H  N N 30  
DA  "H2''" H  N N 31  
DA  "H1'"  H  N N 32  
DA  H8     H  N N 33  
DA  H61    H  N N 34  
DA  H62    H  N N 35  
DA  H2     H  N N 36  
DC  OP3    O  N N 37  
DC  P      P  N N 38  
DC  OP1    O  N N 39  
DC  OP2    O  N N 40  
DC  "O5'"  O  N N 41  
DC  "C5'"  C  N N 42  
DC  "C4'"  C  N R 43  
DC  "O4'"  O  N N 44  
DC  "C3'"  C  N S 45  
DC  "O3'"  O  N N 46  
DC  "C2'"  C  N N 47  
DC  "C1'"  C  N R 48  
DC  N1     N  N N 49  
DC  C2     C  N N 50  
DC  O2     O  N N 51  
DC  N3     N  N N 52  
DC  C4     C  N N 53  
DC  N4     N  N N 54  
DC  C5     C  N N 55  
DC  C6     C  N N 56  
DC  HOP3   H  N N 57  
DC  HOP2   H  N N 58  
DC  "H5'"  H  N N 59  
DC  "H5''" H  N N 60  
DC  "H4'"  H  N N 61  
DC  "H3'"  H  N N 62  
DC  "HO3'" H  N N 63  
DC  "H2'"  H  N N 64  
DC  "H2''" H  N N 65  
DC  "H1'"  H  N N 66  
DC  H41    H  N N 67  
DC  H42    H  N N 68  
DC  H5     H  N N 69  
DC  H6     H  N N 70  
DG  OP3    O  N N 71  
DG  P      P  N N 72  
DG  OP1    O  N N 73  
DG  OP2    O  N N 74  
DG  "O5'"  O  N N 75  
DG  "C5'"  C  N N 76  
DG  "C4'"  C  N R 77  
DG  "O4'"  O  N N 78  
DG  "C3'"  C  N S 79  
DG  "O3'"  O  N N 80  
DG  "C2'"  C  N N 81  
DG  "C1'"  C  N R 82  
DG  N9     N  Y N 83  
DG  C8     C  Y N 84  
DG  N7     N  Y N 85  
DG  C5     C  Y N 86  
DG  C6     C  N N 87  
DG  O6     O  N N 88  
DG  N1     N  N N 89  
DG  C2     C  N N 90  
DG  N2     N  N N 91  
DG  N3     N  N N 92  
DG  C4     C  Y N 93  
DG  HOP3   H  N N 94  
DG  HOP2   H  N N 95  
DG  "H5'"  H  N N 96  
DG  "H5''" H  N N 97  
DG  "H4'"  H  N N 98  
DG  "H3'"  H  N N 99  
DG  "HO3'" H  N N 100 
DG  "H2'"  H  N N 101 
DG  "H2''" H  N N 102 
DG  "H1'"  H  N N 103 
DG  H8     H  N N 104 
DG  H1     H  N N 105 
DG  H21    H  N N 106 
DG  H22    H  N N 107 
DT  OP3    O  N N 108 
DT  P      P  N N 109 
DT  OP1    O  N N 110 
DT  OP2    O  N N 111 
DT  "O5'"  O  N N 112 
DT  "C5'"  C  N N 113 
DT  "C4'"  C  N R 114 
DT  "O4'"  O  N N 115 
DT  "C3'"  C  N S 116 
DT  "O3'"  O  N N 117 
DT  "C2'"  C  N N 118 
DT  "C1'"  C  N R 119 
DT  N1     N  N N 120 
DT  C2     C  N N 121 
DT  O2     O  N N 122 
DT  N3     N  N N 123 
DT  C4     C  N N 124 
DT  O4     O  N N 125 
DT  C5     C  N N 126 
DT  C7     C  N N 127 
DT  C6     C  N N 128 
DT  HOP3   H  N N 129 
DT  HOP2   H  N N 130 
DT  "H5'"  H  N N 131 
DT  "H5''" H  N N 132 
DT  "H4'"  H  N N 133 
DT  "H3'"  H  N N 134 
DT  "HO3'" H  N N 135 
DT  "H2'"  H  N N 136 
DT  "H2''" H  N N 137 
DT  "H1'"  H  N N 138 
DT  H3     H  N N 139 
DT  H71    H  N N 140 
DT  H72    H  N N 141 
DT  H73    H  N N 142 
DT  H6     H  N N 143 
HOH O      O  N N 144 
HOH H1     H  N N 145 
HOH H2     H  N N 146 
NI  NI     NI N N 147 
# 
loop_
_chem_comp_bond.comp_id 
_chem_comp_bond.atom_id_1 
_chem_comp_bond.atom_id_2 
_chem_comp_bond.value_order 
_chem_comp_bond.pdbx_aromatic_flag 
_chem_comp_bond.pdbx_stereo_config 
_chem_comp_bond.pdbx_ordinal 
DA  OP3   P      sing N N 1   
DA  OP3   HOP3   sing N N 2   
DA  P     OP1    doub N N 3   
DA  P     OP2    sing N N 4   
DA  P     "O5'"  sing N N 5   
DA  OP2   HOP2   sing N N 6   
DA  "O5'" "C5'"  sing N N 7   
DA  "C5'" "C4'"  sing N N 8   
DA  "C5'" "H5'"  sing N N 9   
DA  "C5'" "H5''" sing N N 10  
DA  "C4'" "O4'"  sing N N 11  
DA  "C4'" "C3'"  sing N N 12  
DA  "C4'" "H4'"  sing N N 13  
DA  "O4'" "C1'"  sing N N 14  
DA  "C3'" "O3'"  sing N N 15  
DA  "C3'" "C2'"  sing N N 16  
DA  "C3'" "H3'"  sing N N 17  
DA  "O3'" "HO3'" sing N N 18  
DA  "C2'" "C1'"  sing N N 19  
DA  "C2'" "H2'"  sing N N 20  
DA  "C2'" "H2''" sing N N 21  
DA  "C1'" N9     sing N N 22  
DA  "C1'" "H1'"  sing N N 23  
DA  N9    C8     sing Y N 24  
DA  N9    C4     sing Y N 25  
DA  C8    N7     doub Y N 26  
DA  C8    H8     sing N N 27  
DA  N7    C5     sing Y N 28  
DA  C5    C6     sing Y N 29  
DA  C5    C4     doub Y N 30  
DA  C6    N6     sing N N 31  
DA  C6    N1     doub Y N 32  
DA  N6    H61    sing N N 33  
DA  N6    H62    sing N N 34  
DA  N1    C2     sing Y N 35  
DA  C2    N3     doub Y N 36  
DA  C2    H2     sing N N 37  
DA  N3    C4     sing Y N 38  
DC  OP3   P      sing N N 39  
DC  OP3   HOP3   sing N N 40  
DC  P     OP1    doub N N 41  
DC  P     OP2    sing N N 42  
DC  P     "O5'"  sing N N 43  
DC  OP2   HOP2   sing N N 44  
DC  "O5'" "C5'"  sing N N 45  
DC  "C5'" "C4'"  sing N N 46  
DC  "C5'" "H5'"  sing N N 47  
DC  "C5'" "H5''" sing N N 48  
DC  "C4'" "O4'"  sing N N 49  
DC  "C4'" "C3'"  sing N N 50  
DC  "C4'" "H4'"  sing N N 51  
DC  "O4'" "C1'"  sing N N 52  
DC  "C3'" "O3'"  sing N N 53  
DC  "C3'" "C2'"  sing N N 54  
DC  "C3'" "H3'"  sing N N 55  
DC  "O3'" "HO3'" sing N N 56  
DC  "C2'" "C1'"  sing N N 57  
DC  "C2'" "H2'"  sing N N 58  
DC  "C2'" "H2''" sing N N 59  
DC  "C1'" N1     sing N N 60  
DC  "C1'" "H1'"  sing N N 61  
DC  N1    C2     sing N N 62  
DC  N1    C6     sing N N 63  
DC  C2    O2     doub N N 64  
DC  C2    N3     sing N N 65  
DC  N3    C4     doub N N 66  
DC  C4    N4     sing N N 67  
DC  C4    C5     sing N N 68  
DC  N4    H41    sing N N 69  
DC  N4    H42    sing N N 70  
DC  C5    C6     doub N N 71  
DC  C5    H5     sing N N 72  
DC  C6    H6     sing N N 73  
DG  OP3   P      sing N N 74  
DG  OP3   HOP3   sing N N 75  
DG  P     OP1    doub N N 76  
DG  P     OP2    sing N N 77  
DG  P     "O5'"  sing N N 78  
DG  OP2   HOP2   sing N N 79  
DG  "O5'" "C5'"  sing N N 80  
DG  "C5'" "C4'"  sing N N 81  
DG  "C5'" "H5'"  sing N N 82  
DG  "C5'" "H5''" sing N N 83  
DG  "C4'" "O4'"  sing N N 84  
DG  "C4'" "C3'"  sing N N 85  
DG  "C4'" "H4'"  sing N N 86  
DG  "O4'" "C1'"  sing N N 87  
DG  "C3'" "O3'"  sing N N 88  
DG  "C3'" "C2'"  sing N N 89  
DG  "C3'" "H3'"  sing N N 90  
DG  "O3'" "HO3'" sing N N 91  
DG  "C2'" "C1'"  sing N N 92  
DG  "C2'" "H2'"  sing N N 93  
DG  "C2'" "H2''" sing N N 94  
DG  "C1'" N9     sing N N 95  
DG  "C1'" "H1'"  sing N N 96  
DG  N9    C8     sing Y N 97  
DG  N9    C4     sing Y N 98  
DG  C8    N7     doub Y N 99  
DG  C8    H8     sing N N 100 
DG  N7    C5     sing Y N 101 
DG  C5    C6     sing N N 102 
DG  C5    C4     doub Y N 103 
DG  C6    O6     doub N N 104 
DG  C6    N1     sing N N 105 
DG  N1    C2     sing N N 106 
DG  N1    H1     sing N N 107 
DG  C2    N2     sing N N 108 
DG  C2    N3     doub N N 109 
DG  N2    H21    sing N N 110 
DG  N2    H22    sing N N 111 
DG  N3    C4     sing N N 112 
DT  OP3   P      sing N N 113 
DT  OP3   HOP3   sing N N 114 
DT  P     OP1    doub N N 115 
DT  P     OP2    sing N N 116 
DT  P     "O5'"  sing N N 117 
DT  OP2   HOP2   sing N N 118 
DT  "O5'" "C5'"  sing N N 119 
DT  "C5'" "C4'"  sing N N 120 
DT  "C5'" "H5'"  sing N N 121 
DT  "C5'" "H5''" sing N N 122 
DT  "C4'" "O4'"  sing N N 123 
DT  "C4'" "C3'"  sing N N 124 
DT  "C4'" "H4'"  sing N N 125 
DT  "O4'" "C1'"  sing N N 126 
DT  "C3'" "O3'"  sing N N 127 
DT  "C3'" "C2'"  sing N N 128 
DT  "C3'" "H3'"  sing N N 129 
DT  "O3'" "HO3'" sing N N 130 
DT  "C2'" "C1'"  sing N N 131 
DT  "C2'" "H2'"  sing N N 132 
DT  "C2'" "H2''" sing N N 133 
DT  "C1'" N1     sing N N 134 
DT  "C1'" "H1'"  sing N N 135 
DT  N1    C2     sing N N 136 
DT  N1    C6     sing N N 137 
DT  C2    O2     doub N N 138 
DT  C2    N3     sing N N 139 
DT  N3    C4     sing N N 140 
DT  N3    H3     sing N N 141 
DT  C4    O4     doub N N 142 
DT  C4    C5     sing N N 143 
DT  C5    C7     sing N N 144 
DT  C5    C6     doub N N 145 
DT  C7    H71    sing N N 146 
DT  C7    H72    sing N N 147 
DT  C7    H73    sing N N 148 
DT  C6    H6     sing N N 149 
HOH O     H1     sing N N 150 
HOH O     H2     sing N N 151 
# 
_ndb_struct_conf_na.entry_id   1S9B 
_ndb_struct_conf_na.feature    'b-form double helix' 
# 
loop_
_ndb_struct_na_base_pair.model_number 
_ndb_struct_na_base_pair.i_label_asym_id 
_ndb_struct_na_base_pair.i_label_comp_id 
_ndb_struct_na_base_pair.i_label_seq_id 
_ndb_struct_na_base_pair.i_symmetry 
_ndb_struct_na_base_pair.j_label_asym_id 
_ndb_struct_na_base_pair.j_label_comp_id 
_ndb_struct_na_base_pair.j_label_seq_id 
_ndb_struct_na_base_pair.j_symmetry 
_ndb_struct_na_base_pair.shear 
_ndb_struct_na_base_pair.stretch 
_ndb_struct_na_base_pair.stagger 
_ndb_struct_na_base_pair.buckle 
_ndb_struct_na_base_pair.propeller 
_ndb_struct_na_base_pair.opening 
_ndb_struct_na_base_pair.pair_number 
_ndb_struct_na_base_pair.pair_name 
_ndb_struct_na_base_pair.i_auth_asym_id 
_ndb_struct_na_base_pair.i_auth_seq_id 
_ndb_struct_na_base_pair.i_PDB_ins_code 
_ndb_struct_na_base_pair.j_auth_asym_id 
_ndb_struct_na_base_pair.j_auth_seq_id 
_ndb_struct_na_base_pair.j_PDB_ins_code 
_ndb_struct_na_base_pair.hbond_type_28 
_ndb_struct_na_base_pair.hbond_type_12 
1 A DG 1 1_555 B DC 6 1_555 0.242  -0.287 0.025 -1.382 1.655  -3.104 1 A_DG1:DC6_B A 1 ? B 6 ? 19 1 
1 A DA 2 1_555 B DT 5 1_555 0.769  -0.286 0.099 0.839  -6.169 -9.086 2 A_DA2:DT5_B A 2 ? B 5 ? 20 1 
1 A DA 3 1_555 B DT 4 1_555 0.342  -0.333 0.039 2.506  -7.753 -5.375 3 A_DA3:DT4_B A 3 ? B 4 ? 20 1 
1 A DT 4 1_555 B DA 3 1_555 -0.462 -0.328 0.088 -0.970 -8.369 -6.624 4 A_DT4:DA3_B A 4 ? B 3 ? 20 1 
1 A DT 5 1_555 B DA 2 1_555 -0.742 -0.323 0.161 0.368  -7.883 -8.876 5 A_DT5:DA2_B A 5 ? B 2 ? 20 1 
1 A DC 6 1_555 B DG 1 1_555 -0.645 -0.209 0.094 1.308  2.333  -3.684 6 A_DC6:DG1_B A 6 ? B 1 ? 19 1 
# 
loop_
_ndb_struct_na_base_pair_step.model_number 
_ndb_struct_na_base_pair_step.i_label_asym_id_1 
_ndb_struct_na_base_pair_step.i_label_comp_id_1 
_ndb_struct_na_base_pair_step.i_label_seq_id_1 
_ndb_struct_na_base_pair_step.i_symmetry_1 
_ndb_struct_na_base_pair_step.j_label_asym_id_1 
_ndb_struct_na_base_pair_step.j_label_comp_id_1 
_ndb_struct_na_base_pair_step.j_label_seq_id_1 
_ndb_struct_na_base_pair_step.j_symmetry_1 
_ndb_struct_na_base_pair_step.i_label_asym_id_2 
_ndb_struct_na_base_pair_step.i_label_comp_id_2 
_ndb_struct_na_base_pair_step.i_label_seq_id_2 
_ndb_struct_na_base_pair_step.i_symmetry_2 
_ndb_struct_na_base_pair_step.j_label_asym_id_2 
_ndb_struct_na_base_pair_step.j_label_comp_id_2 
_ndb_struct_na_base_pair_step.j_label_seq_id_2 
_ndb_struct_na_base_pair_step.j_symmetry_2 
_ndb_struct_na_base_pair_step.shift 
_ndb_struct_na_base_pair_step.slide 
_ndb_struct_na_base_pair_step.rise 
_ndb_struct_na_base_pair_step.tilt 
_ndb_struct_na_base_pair_step.roll 
_ndb_struct_na_base_pair_step.twist 
_ndb_struct_na_base_pair_step.x_displacement 
_ndb_struct_na_base_pair_step.y_displacement 
_ndb_struct_na_base_pair_step.helical_rise 
_ndb_struct_na_base_pair_step.inclination 
_ndb_struct_na_base_pair_step.tip 
_ndb_struct_na_base_pair_step.helical_twist 
_ndb_struct_na_base_pair_step.step_number 
_ndb_struct_na_base_pair_step.step_name 
_ndb_struct_na_base_pair_step.i_auth_asym_id_1 
_ndb_struct_na_base_pair_step.i_auth_seq_id_1 
_ndb_struct_na_base_pair_step.i_PDB_ins_code_1 
_ndb_struct_na_base_pair_step.j_auth_asym_id_1 
_ndb_struct_na_base_pair_step.j_auth_seq_id_1 
_ndb_struct_na_base_pair_step.j_PDB_ins_code_1 
_ndb_struct_na_base_pair_step.i_auth_asym_id_2 
_ndb_struct_na_base_pair_step.i_auth_seq_id_2 
_ndb_struct_na_base_pair_step.i_PDB_ins_code_2 
_ndb_struct_na_base_pair_step.j_auth_asym_id_2 
_ndb_struct_na_base_pair_step.j_auth_seq_id_2 
_ndb_struct_na_base_pair_step.j_PDB_ins_code_2 
1 A DG 1 1_555 B DC 6 1_555 A DA 2 1_555 B DT 5 1_555 -0.910 0.631  3.378 -5.440 3.318  34.859 0.519  0.645  3.519 5.482  8.988  
35.419 1 AA_DG1DA2:DT5DC6_BB A 1 ? B 6 ? A 2 ? B 5 ? 
1 A DA 2 1_555 B DT 5 1_555 A DA 3 1_555 B DT 4 1_555 -0.111 -0.462 3.279 -0.047 0.575  35.734 -0.836 0.175  3.271 0.938  0.076  
35.738 2 AA_DA2DA3:DT4DT5_BB A 2 ? B 5 ? A 3 ? B 4 ? 
1 A DA 3 1_555 B DT 4 1_555 A DT 4 1_555 B DA 3 1_555 -0.127 -0.705 3.348 -1.078 2.198  25.980 -2.169 -0.017 3.280 4.876  2.392  
26.093 3 AA_DA3DT4:DA3DT4_BB A 3 ? B 4 ? A 4 ? B 3 ? 
1 A DT 4 1_555 B DA 3 1_555 A DT 5 1_555 B DA 2 1_555 0.011  -0.490 3.226 -0.989 -0.034 36.587 -0.775 -0.151 3.225 -0.053 1.574  
36.600 4 AA_DT4DT5:DA2DA3_BB A 4 ? B 3 ? A 5 ? B 2 ? 
1 A DT 5 1_555 B DA 2 1_555 A DC 6 1_555 B DG 1 1_555 0.773  0.662  3.478 4.037  2.175  32.928 0.764  -0.619 3.580 3.814  -7.079 
33.237 5 AA_DT5DC6:DG1DA2_BB A 5 ? B 2 ? A 6 ? B 1 ? 
# 
_pdbx_initial_refinement_model.accession_code   ? 
_pdbx_initial_refinement_model.id               1 
_pdbx_initial_refinement_model.entity_id_list   ? 
_pdbx_initial_refinement_model.type             'in silico model' 
_pdbx_initial_refinement_model.source_name      Other 
_pdbx_initial_refinement_model.details          'ideal B-DNA' 
# 
_atom_sites.entry_id                    1S9B 
_atom_sites.fract_transf_matrix[1][1]   0.00421827 
_atom_sites.fract_transf_matrix[1][2]   0.00260665 
_atom_sites.fract_transf_matrix[1][3]   -0.01321105 
_atom_sites.fract_transf_matrix[2][1]   -0.00275973 
_atom_sites.fract_transf_matrix[2][2]   0.01371758 
_atom_sites.fract_transf_matrix[2][3]   0.00182541 
_atom_sites.fract_transf_matrix[3][1]   0.01317992 
_atom_sites.fract_transf_matrix[3][2]   0.00203804 
_atom_sites.fract_transf_matrix[3][3]   0.00461046 
_atom_sites.fract_transf_vector[1]      0.358974 
_atom_sites.fract_transf_vector[2]      0.034568 
_atom_sites.fract_transf_vector[3]      0.284489 
# 
loop_
_atom_type.symbol 
C  
N  
NI 
O  
P  
# 
loop_
_atom_site.group_PDB 
_atom_site.id 
_atom_site.type_symbol 
_atom_site.label_atom_id 
_atom_site.label_alt_id 
_atom_site.label_comp_id 
_atom_site.label_asym_id 
_atom_site.label_entity_id 
_atom_site.label_seq_id 
_atom_site.pdbx_PDB_ins_code 
_atom_site.Cartn_x 
_atom_site.Cartn_y 
_atom_site.Cartn_z 
_atom_site.occupancy 
_atom_site.B_iso_or_equiv 
_atom_site.pdbx_formal_charge 
_atom_site.auth_seq_id 
_atom_site.auth_comp_id 
_atom_site.auth_asym_id 
_atom_site.auth_atom_id 
_atom_site.pdbx_PDB_model_num 
ATOM   1   O  "O5'" . DG  A 1 1 ? 3.822   10.375  -7.303  1.00 53.10 ? 1   DG  A "O5'" 1 
ATOM   2   C  "C5'" . DG  A 1 1 ? 4.023   11.625  -6.592  1.00 49.54 ? 1   DG  A "C5'" 1 
ATOM   3   C  "C4'" . DG  A 1 1 ? 3.463   11.564  -5.186  1.00 47.01 ? 1   DG  A "C4'" 1 
ATOM   4   O  "O4'" . DG  A 1 1 ? 2.222   10.802  -5.203  1.00 44.43 ? 1   DG  A "O4'" 1 
ATOM   5   C  "C3'" . DG  A 1 1 ? 4.318   10.792  -4.205  1.00 47.00 ? 1   DG  A "C3'" 1 
ATOM   6   O  "O3'" . DG  A 1 1 ? 3.904   11.135  -2.893  1.00 50.49 ? 1   DG  A "O3'" 1 
ATOM   7   C  "C2'" . DG  A 1 1 ? 3.915   9.342   -4.465  1.00 44.46 ? 1   DG  A "C2'" 1 
ATOM   8   C  "C1'" . DG  A 1 1 ? 2.395   9.503   -4.638  1.00 40.39 ? 1   DG  A "C1'" 1 
ATOM   9   N  N9    . DG  A 1 1 ? 1.750   8.467   -5.455  1.00 33.09 ? 1   DG  A N9    1 
ATOM   10  C  C8    . DG  A 1 1 ? 2.248   7.820   -6.552  1.00 31.86 ? 1   DG  A C8    1 
ATOM   11  N  N7    . DG  A 1 1 ? 1.445   6.938   -7.070  1.00 32.01 ? 1   DG  A N7    1 
ATOM   12  C  C5    . DG  A 1 1 ? 0.351   7.030   -6.229  1.00 27.93 ? 1   DG  A C5    1 
ATOM   13  C  C6    . DG  A 1 1 ? -0.861  6.322   -6.269  1.00 28.14 ? 1   DG  A C6    1 
ATOM   14  O  O6    . DG  A 1 1 ? -1.149  5.452   -7.095  1.00 29.92 ? 1   DG  A O6    1 
ATOM   15  N  N1    . DG  A 1 1 ? -1.775  6.667   -5.277  1.00 24.37 ? 1   DG  A N1    1 
ATOM   16  C  C2    . DG  A 1 1 ? -1.478  7.616   -4.325  1.00 28.03 ? 1   DG  A C2    1 
ATOM   17  N  N2    . DG  A 1 1 ? -2.440  7.847   -3.400  1.00 27.06 ? 1   DG  A N2    1 
ATOM   18  N  N3    . DG  A 1 1 ? -0.325  8.302   -4.270  1.00 26.24 ? 1   DG  A N3    1 
ATOM   19  C  C4    . DG  A 1 1 ? 0.518   7.951   -5.247  1.00 28.35 ? 1   DG  A C4    1 
ATOM   20  P  P     . DA  A 1 2 ? 5.091   11.426  -1.883  1.00 53.53 ? 2   DA  A P     1 
ATOM   21  O  OP1   . DA  A 1 2 ? 5.242   12.894  -1.830  1.00 54.71 ? 2   DA  A OP1   1 
ATOM   22  O  OP2   . DA  A 1 2 ? 6.247   10.587  -2.371  1.00 53.62 ? 2   DA  A OP2   1 
ATOM   23  O  "O5'" . DA  A 1 2 ? 4.587   10.980  -0.449  1.00 46.45 ? 2   DA  A "O5'" 1 
ATOM   24  C  "C5'" . DA  A 1 2 ? 3.755   11.882  0.116   1.00 41.50 ? 2   DA  A "C5'" 1 
ATOM   25  C  "C4'" . DA  A 1 2 ? 2.580   11.023  0.371   1.00 41.95 ? 2   DA  A "C4'" 1 
ATOM   26  O  "O4'" . DA  A 1 2 ? 2.486   10.030  -0.693  1.00 40.84 ? 2   DA  A "O4'" 1 
ATOM   27  C  "C3'" . DA  A 1 2 ? 2.788   10.194  1.617   1.00 42.65 ? 2   DA  A "C3'" 1 
ATOM   28  O  "O3'" . DA  A 1 2 ? 1.693   10.378  2.427   1.00 45.20 ? 2   DA  A "O3'" 1 
ATOM   29  C  "C2'" . DA  A 1 2 ? 2.785   8.724   1.158   1.00 41.72 ? 2   DA  A "C2'" 1 
ATOM   30  C  "C1'" . DA  A 1 2 ? 1.940   8.841   -0.099  1.00 37.14 ? 2   DA  A "C1'" 1 
ATOM   31  N  N9    . DA  A 1 2 ? 2.011   7.830   -1.140  1.00 31.58 ? 2   DA  A N9    1 
ATOM   32  C  C8    . DA  A 1 2 ? 3.019   7.688   -2.055  1.00 31.70 ? 2   DA  A C8    1 
ATOM   33  N  N7    . DA  A 1 2 ? 2.818   6.726   -2.943  1.00 29.79 ? 2   DA  A N7    1 
ATOM   34  C  C5    . DA  A 1 2 ? 1.582   6.233   -2.580  1.00 26.91 ? 2   DA  A C5    1 
ATOM   35  C  C6    . DA  A 1 2 ? 0.801   5.218   -3.134  1.00 26.20 ? 2   DA  A C6    1 
ATOM   36  N  N6    . DA  A 1 2 ? 1.211   4.521   -4.174  1.00 26.86 ? 2   DA  A N6    1 
ATOM   37  N  N1    . DA  A 1 2 ? -0.394  4.938   -2.576  1.00 27.14 ? 2   DA  A N1    1 
ATOM   38  C  C2    . DA  A 1 2 ? -0.756  5.668   -1.500  1.00 29.32 ? 2   DA  A C2    1 
ATOM   39  N  N3    . DA  A 1 2 ? -0.084  6.669   -0.895  1.00 28.44 ? 2   DA  A N3    1 
ATOM   40  C  C4    . DA  A 1 2 ? 1.080   6.902   -1.485  1.00 27.51 ? 2   DA  A C4    1 
ATOM   41  P  P     . DA  A 1 3 ? 2.058   10.155  3.943   1.00 48.47 ? 3   DA  A P     1 
ATOM   42  O  OP1   . DA  A 1 3 ? 1.608   11.381  4.666   1.00 49.07 ? 3   DA  A OP1   1 
ATOM   43  O  OP2   . DA  A 1 3 ? 3.492   9.708   4.013   1.00 47.65 ? 3   DA  A OP2   1 
ATOM   44  O  "O5'" . DA  A 1 3 ? 1.167   8.917   4.406   1.00 45.08 ? 3   DA  A "O5'" 1 
ATOM   45  C  "C5'" . DA  A 1 3 ? -0.203  8.988   4.233   1.00 42.88 ? 3   DA  A "C5'" 1 
ATOM   46  C  "C4'" . DA  A 1 3 ? -0.626  7.538   4.226   1.00 42.15 ? 3   DA  A "C4'" 1 
ATOM   47  O  "O4'" . DA  A 1 3 ? -0.069  6.798   3.113   1.00 41.09 ? 3   DA  A "O4'" 1 
ATOM   48  C  "C3'" . DA  A 1 3 ? -0.121  6.781   5.424   1.00 40.48 ? 3   DA  A "C3'" 1 
ATOM   49  O  "O3'" . DA  A 1 3 ? -1.337  6.547   5.993   1.00 42.04 ? 3   DA  A "O3'" 1 
ATOM   50  C  "C2'" . DA  A 1 3 ? 0.522   5.515   4.829   1.00 38.92 ? 3   DA  A "C2'" 1 
ATOM   51  C  "C1'" . DA  A 1 3 ? -0.042  5.412   3.416   1.00 36.08 ? 3   DA  A "C1'" 1 
ATOM   52  N  N9    . DA  A 1 3 ? 0.785   4.903   2.297   1.00 31.94 ? 3   DA  A N9    1 
ATOM   53  C  C8    . DA  A 1 3 ? 2.027   5.373   1.924   1.00 30.89 ? 3   DA  A C8    1 
ATOM   54  N  N7    . DA  A 1 3 ? 2.541   4.799   0.844   1.00 28.98 ? 3   DA  A N7    1 
ATOM   55  C  C5    . DA  A 1 3 ? 1.560   3.908   0.479   1.00 26.11 ? 3   DA  A C5    1 
ATOM   56  C  C6    . DA  A 1 3 ? 1.510   3.004   -0.576  1.00 25.59 ? 3   DA  A C6    1 
ATOM   57  N  N6    . DA  A 1 3 ? 2.529   2.914   -1.420  1.00 26.10 ? 3   DA  A N6    1 
ATOM   58  N  N1    . DA  A 1 3 ? 0.427   2.208   -0.747  1.00 25.74 ? 3   DA  A N1    1 
ATOM   59  C  C2    . DA  A 1 3 ? -0.563  2.353   0.156   1.00 28.75 ? 3   DA  A C2    1 
ATOM   60  N  N3    . DA  A 1 3 ? -0.629  3.194   1.217   1.00 29.47 ? 3   DA  A N3    1 
ATOM   61  C  C4    . DA  A 1 3 ? 0.478   3.957   1.328   1.00 28.32 ? 3   DA  A C4    1 
ATOM   62  P  P     . DT  A 1 4 ? -1.328  5.519   7.175   1.00 44.17 ? 4   DT  A P     1 
ATOM   63  O  OP1   . DT  A 1 4 ? -2.593  5.530   7.989   1.00 42.61 ? 4   DT  A OP1   1 
ATOM   64  O  OP2   . DT  A 1 4 ? 0.025   5.803   7.737   1.00 45.27 ? 4   DT  A OP2   1 
ATOM   65  O  "O5'" . DT  A 1 4 ? -1.396  4.135   6.382   1.00 41.17 ? 4   DT  A "O5'" 1 
ATOM   66  C  "C5'" . DT  A 1 4 ? -2.699  3.600   6.270   1.00 40.10 ? 4   DT  A "C5'" 1 
ATOM   67  C  "C4'" . DT  A 1 4 ? -2.541  2.281   5.577   1.00 39.84 ? 4   DT  A "C4'" 1 
ATOM   68  O  "O4'" . DT  A 1 4 ? -1.395  2.334   4.681   1.00 38.63 ? 4   DT  A "O4'" 1 
ATOM   69  C  "C3'" . DT  A 1 4 ? -2.224  1.196   6.575   1.00 40.17 ? 4   DT  A "C3'" 1 
ATOM   70  O  "O3'" . DT  A 1 4 ? -3.244  0.283   6.445   1.00 43.79 ? 4   DT  A "O3'" 1 
ATOM   71  C  "C2'" . DT  A 1 4 ? -0.863  0.641   6.145   1.00 37.88 ? 4   DT  A "C2'" 1 
ATOM   72  C  "C1'" . DT  A 1 4 ? -0.898  1.002   4.671   1.00 33.39 ? 4   DT  A "C1'" 1 
ATOM   73  N  N1    . DT  A 1 4 ? 0.343   1.060   3.875   1.00 26.15 ? 4   DT  A N1    1 
ATOM   74  C  C2    . DT  A 1 4 ? 0.410   0.222   2.817   1.00 24.84 ? 4   DT  A C2    1 
ATOM   75  O  O2    . DT  A 1 4 ? -0.451  -0.600  2.552   1.00 29.05 ? 4   DT  A O2    1 
ATOM   76  N  N3    . DT  A 1 4 ? 1.522   0.344   2.073   1.00 22.33 ? 4   DT  A N3    1 
ATOM   77  C  C4    . DT  A 1 4 ? 2.551   1.206   2.300   1.00 24.85 ? 4   DT  A C4    1 
ATOM   78  O  O4    . DT  A 1 4 ? 3.559   1.232   1.588   1.00 28.46 ? 4   DT  A O4    1 
ATOM   79  C  C5    . DT  A 1 4 ? 2.403   2.076   3.421   1.00 24.07 ? 4   DT  A C5    1 
ATOM   80  C  C7    . DT  A 1 4 ? 3.518   3.045   3.704   1.00 24.04 ? 4   DT  A C7    1 
ATOM   81  C  C6    . DT  A 1 4 ? 1.304   1.976   4.155   1.00 23.48 ? 4   DT  A C6    1 
ATOM   82  P  P     . DT  A 1 5 ? -3.265  -0.835  7.574   1.00 48.56 ? 5   DT  A P     1 
ATOM   83  O  OP1   . DT  A 1 5 ? -4.651  -1.236  7.956   1.00 48.05 ? 5   DT  A OP1   1 
ATOM   84  O  OP2   . DT  A 1 5 ? -2.259  -0.487  8.617   1.00 47.10 ? 5   DT  A OP2   1 
ATOM   85  O  "O5'" . DT  A 1 5 ? -2.692  -1.985  6.655   1.00 45.94 ? 5   DT  A "O5'" 1 
ATOM   86  C  "C5'" . DT  A 1 5 ? -3.597  -2.446  5.654   1.00 42.67 ? 5   DT  A "C5'" 1 
ATOM   87  C  "C4'" . DT  A 1 5 ? -2.906  -3.609  4.998   1.00 39.95 ? 5   DT  A "C4'" 1 
ATOM   88  O  "O4'" . DT  A 1 5 ? -1.680  -3.075  4.472   1.00 36.39 ? 5   DT  A "O4'" 1 
ATOM   89  C  "C3'" . DT  A 1 5 ? -2.500  -4.644  6.014   1.00 39.06 ? 5   DT  A "C3'" 1 
ATOM   90  O  "O3'" . DT  A 1 5 ? -3.062  -5.880  5.652   1.00 45.05 ? 5   DT  A "O3'" 1 
ATOM   91  C  "C2'" . DT  A 1 5 ? -0.987  -4.651  5.934   1.00 34.76 ? 5   DT  A "C2'" 1 
ATOM   92  C  "C1'" . DT  A 1 5 ? -0.729  -4.089  4.566   1.00 30.33 ? 5   DT  A "C1'" 1 
ATOM   93  N  N1    . DT  A 1 5 ? 0.575   -3.381  4.374   1.00 24.53 ? 5   DT  A N1    1 
ATOM   94  C  C2    . DT  A 1 5 ? 1.344   -3.706  3.281   1.00 23.30 ? 5   DT  A C2    1 
ATOM   95  O  O2    . DT  A 1 5 ? 1.007   -4.576  2.506   1.00 27.96 ? 5   DT  A O2    1 
ATOM   96  N  N3    . DT  A 1 5 ? 2.513   -3.029  3.094   1.00 18.60 ? 5   DT  A N3    1 
ATOM   97  C  C4    . DT  A 1 5 ? 2.969   -2.069  3.953   1.00 17.77 ? 5   DT  A C4    1 
ATOM   98  O  O4    . DT  A 1 5 ? 4.027   -1.473  3.811   1.00 18.50 ? 5   DT  A O4    1 
ATOM   99  C  C5    . DT  A 1 5 ? 2.129   -1.757  5.050   1.00 17.71 ? 5   DT  A C5    1 
ATOM   100 C  C7    . DT  A 1 5 ? 2.605   -0.684  5.975   1.00 20.11 ? 5   DT  A C7    1 
ATOM   101 C  C6    . DT  A 1 5 ? 0.981   -2.400  5.227   1.00 20.45 ? 5   DT  A C6    1 
ATOM   102 P  P     . DC  A 1 6 ? -2.877  -7.171  6.636   1.00 50.24 ? 6   DC  A P     1 
ATOM   103 O  OP1   . DC  A 1 6 ? -4.080  -8.041  6.520   1.00 49.96 ? 6   DC  A OP1   1 
ATOM   104 O  OP2   . DC  A 1 6 ? -2.440  -6.736  8.013   1.00 49.30 ? 6   DC  A OP2   1 
ATOM   105 O  "O5'" . DC  A 1 6 ? -1.649  -7.945  5.959   1.00 44.71 ? 6   DC  A "O5'" 1 
ATOM   106 C  "C5'" . DC  A 1 6 ? -1.877  -8.308  4.633   1.00 42.00 ? 6   DC  A "C5'" 1 
ATOM   107 C  "C4'" . DC  A 1 6 ? -0.628  -8.991  4.128   1.00 41.25 ? 6   DC  A "C4'" 1 
ATOM   108 O  "O4'" . DC  A 1 6 ? 0.487   -8.049  4.077   1.00 39.15 ? 6   DC  A "O4'" 1 
ATOM   109 C  "C3'" . DC  A 1 6 ? -0.119  -10.148 4.971   1.00 39.34 ? 6   DC  A "C3'" 1 
ATOM   110 O  "O3'" . DC  A 1 6 ? 0.637   -10.935 4.107   1.00 39.41 ? 6   DC  A "O3'" 1 
ATOM   111 C  "C2'" . DC  A 1 6 ? 0.790   -9.407  5.937   1.00 37.99 ? 6   DC  A "C2'" 1 
ATOM   112 C  "C1'" . DC  A 1 6 ? 1.501   -8.483  4.952   1.00 33.97 ? 6   DC  A "C1'" 1 
ATOM   113 N  N1    . DC  A 1 6 ? 2.203   -7.257  5.469   1.00 27.49 ? 6   DC  A N1    1 
ATOM   114 C  C2    . DC  A 1 6 ? 3.288   -6.911  4.691   1.00 25.99 ? 6   DC  A C2    1 
ATOM   115 O  O2    . DC  A 1 6 ? 3.538   -7.610  3.705   1.00 27.19 ? 6   DC  A O2    1 
ATOM   116 N  N3    . DC  A 1 6 ? 4.027   -5.856  5.018   1.00 24.56 ? 6   DC  A N3    1 
ATOM   117 C  C4    . DC  A 1 6 ? 3.698   -5.150  6.077   1.00 25.11 ? 6   DC  A C4    1 
ATOM   118 N  N4    . DC  A 1 6 ? 4.512   -4.118  6.259   1.00 25.77 ? 6   DC  A N4    1 
ATOM   119 C  C5    . DC  A 1 6 ? 2.582   -5.460  6.931   1.00 22.62 ? 6   DC  A C5    1 
ATOM   120 C  C6    . DC  A 1 6 ? 1.859   -6.530  6.579   1.00 24.83 ? 6   DC  A C6    1 
ATOM   121 P  P     . DG  A 1 7 ? 0.531   -12.501 4.330   1.00 40.04 ? 7   DG  A P     1 
ATOM   122 O  OP1   . DG  A 1 7 ? 1.043   -13.267 3.141   1.00 38.58 ? 7   DG  A OP1   1 
ATOM   123 O  OP2   . DG  A 1 7 ? -0.772  -12.778 5.000   1.00 38.98 ? 7   DG  A OP2   1 
ATOM   124 O  "O5'" . DG  A 1 7 ? 1.733   -12.512 5.365   1.00 41.99 ? 7   DG  A "O5'" 1 
ATOM   125 C  "C5'" . DG  A 1 7 ? 2.998   -12.020 4.867   1.00 43.58 ? 7   DG  A "C5'" 1 
ATOM   126 C  "C4'" . DG  A 1 7 ? 4.127   -12.356 5.833   1.00 43.18 ? 7   DG  A "C4'" 1 
ATOM   127 O  "O4'" . DG  A 1 7 ? 3.732   -12.107 7.214   1.00 41.79 ? 7   DG  A "O4'" 1 
ATOM   128 C  "C3'" . DG  A 1 7 ? 4.576   -13.802 5.739   1.00 42.58 ? 7   DG  A "C3'" 1 
ATOM   129 O  "O3'" . DG  A 1 7 ? 5.986   -13.803 5.806   1.00 44.38 ? 7   DG  A "O3'" 1 
ATOM   130 C  "C2'" . DG  A 1 7 ? 3.905   -14.462 6.934   1.00 42.04 ? 7   DG  A "C2'" 1 
ATOM   131 C  "C1'" . DG  A 1 7 ? 3.459   -13.321 7.829   1.00 40.87 ? 7   DG  A "C1'" 1 
ATOM   132 N  N9    . DG  A 1 7 ? 2.044   -13.355 8.102   1.00 42.48 ? 7   DG  A N9    1 
ATOM   133 C  C8    . DG  A 1 7 ? 1.198   -14.434 7.923   1.00 44.26 ? 7   DG  A C8    1 
ATOM   134 N  N7    . DG  A 1 7 ? -0.056  -14.248 8.289   1.00 45.74 ? 7   DG  A N7    1 
ATOM   135 C  C5    . DG  A 1 7 ? 0.004   -12.929 8.748   1.00 45.66 ? 7   DG  A C5    1 
ATOM   136 C  C6    . DG  A 1 7 ? -1.039  -12.160 9.267   1.00 47.52 ? 7   DG  A C6    1 
ATOM   137 O  O6    . DG  A 1 7 ? -2.197  -12.596 9.378   1.00 51.64 ? 7   DG  A O6    1 
ATOM   138 N  N1    . DG  A 1 7 ? -0.647  -10.858 9.628   1.00 44.71 ? 7   DG  A N1    1 
ATOM   139 C  C2    . DG  A 1 7 ? 0.639   -10.386 9.482   1.00 44.54 ? 7   DG  A C2    1 
ATOM   140 N  N2    . DG  A 1 7 ? 0.871   -9.113  9.877   1.00 45.16 ? 7   DG  A N2    1 
ATOM   141 N  N3    . DG  A 1 7 ? 1.643   -11.109 8.985   1.00 43.60 ? 7   DG  A N3    1 
ATOM   142 C  C4    . DG  A 1 7 ? 1.259   -12.360 8.644   1.00 43.78 ? 7   DG  A C4    1 
ATOM   143 O  "O5'" . DG  B 1 1 ? 12.714  -2.835  1.944   1.00 53.18 ? 1   DG  B "O5'" 1 
ATOM   144 C  "C5'" . DG  B 1 1 ? 13.316  -3.767  1.012   1.00 49.73 ? 1   DG  B "C5'" 1 
ATOM   145 C  "C4'" . DG  B 1 1 ? 12.260  -4.436  0.140   1.00 47.33 ? 1   DG  B "C4'" 1 
ATOM   146 O  "O4'" . DG  B 1 1 ? 11.098  -4.806  0.951   1.00 44.13 ? 1   DG  B "O4'" 1 
ATOM   147 C  "C3'" . DG  B 1 1 ? 11.738  -3.513  -0.956  1.00 47.00 ? 1   DG  B "C3'" 1 
ATOM   148 O  "O3'" . DG  B 1 1 ? 11.071  -4.260  -1.925  1.00 50.43 ? 1   DG  B "O3'" 1 
ATOM   149 C  "C2'" . DG  B 1 1 ? 10.689  -2.750  -0.188  1.00 44.37 ? 1   DG  B "C2'" 1 
ATOM   150 C  "C1'" . DG  B 1 1 ? 10.068  -3.906  0.616   1.00 40.18 ? 1   DG  B "C1'" 1 
ATOM   151 N  N9    . DG  B 1 1 ? 9.437   -3.449  1.818   1.00 33.02 ? 1   DG  B N9    1 
ATOM   152 C  C8    . DG  B 1 1 ? 9.821   -2.395  2.599   1.00 32.28 ? 1   DG  B C8    1 
ATOM   153 N  N7    . DG  B 1 1 ? 9.046   -2.195  3.630   1.00 32.67 ? 1   DG  B N7    1 
ATOM   154 C  C5    . DG  B 1 1 ? 8.102   -3.187  3.484   1.00 28.13 ? 1   DG  B C5    1 
ATOM   155 C  C6    . DG  B 1 1 ? 7.022   -3.444  4.324   1.00 28.10 ? 1   DG  B C6    1 
ATOM   156 O  O6    . DG  B 1 1 ? 6.802   -2.772  5.320   1.00 29.63 ? 1   DG  B O6    1 
ATOM   157 N  N1    . DG  B 1 1 ? 6.246   -4.517  3.916   1.00 24.39 ? 1   DG  B N1    1 
ATOM   158 C  C2    . DG  B 1 1 ? 6.556   -5.244  2.762   1.00 28.24 ? 1   DG  B C2    1 
ATOM   159 N  N2    . DG  B 1 1 ? 5.729   -6.266  2.457   1.00 27.09 ? 1   DG  B N2    1 
ATOM   160 N  N3    . DG  B 1 1 ? 7.606   -5.008  1.930   1.00 26.31 ? 1   DG  B N3    1 
ATOM   161 C  C4    . DG  B 1 1 ? 8.319   -3.962  2.377   1.00 28.49 ? 1   DG  B C4    1 
ATOM   162 P  P     . DA  B 1 2 ? 11.401  -3.819  -3.397  1.00 53.43 ? 2   DA  B P     1 
ATOM   163 O  OP1   . DA  B 1 2 ? 12.544  -4.637  -3.902  1.00 55.02 ? 2   DA  B OP1   1 
ATOM   164 O  OP2   . DA  B 1 2 ? 11.559  -2.349  -3.278  1.00 53.04 ? 2   DA  B OP2   1 
ATOM   165 O  "O5'" . DA  B 1 2 ? 10.118  -4.353  -4.192  1.00 46.76 ? 2   DA  B "O5'" 1 
ATOM   166 C  "C5'" . DA  B 1 2 ? 10.016  -5.729  -4.420  1.00 41.57 ? 2   DA  B "C5'" 1 
ATOM   167 C  "C4'" . DA  B 1 2 ? 8.649   -6.061  -3.932  1.00 41.59 ? 2   DA  B "C4'" 1 
ATOM   168 O  "O4'" . DA  B 1 2 ? 8.417   -5.172  -2.829  1.00 40.32 ? 2   DA  B "O4'" 1 
ATOM   169 C  "C3'" . DA  B 1 2 ? 7.586   -5.612  -4.916  1.00 42.71 ? 2   DA  B "C3'" 1 
ATOM   170 O  "O3'" . DA  B 1 2 ? 6.668   -6.638  -5.183  1.00 45.47 ? 2   DA  B "O3'" 1 
ATOM   171 C  "C2'" . DA  B 1 2 ? 6.845   -4.450  -4.246  1.00 41.47 ? 2   DA  B "C2'" 1 
ATOM   172 C  "C1'" . DA  B 1 2 ? 7.040   -4.839  -2.812  1.00 36.69 ? 2   DA  B "C1'" 1 
ATOM   173 N  N9    . DA  B 1 2 ? 6.913   -3.814  -1.805  1.00 31.20 ? 2   DA  B N9    1 
ATOM   174 C  C8    . DA  B 1 2 ? 7.772   -2.787  -1.563  1.00 31.54 ? 2   DA  B C8    1 
ATOM   175 N  N7    . DA  B 1 2 ? 7.430   -2.031  -0.538  1.00 29.48 ? 2   DA  B N7    1 
ATOM   176 C  C5    . DA  B 1 2 ? 6.290   -2.637  -0.101  1.00 26.33 ? 2   DA  B C5    1 
ATOM   177 C  C6    . DA  B 1 2 ? 5.462   -2.328  0.963   1.00 26.26 ? 2   DA  B C6    1 
ATOM   178 N  N6    . DA  B 1 2 ? 5.720   -1.289  1.749   1.00 27.54 ? 2   DA  B N6    1 
ATOM   179 N  N1    . DA  B 1 2 ? 4.378   -3.078  1.196   1.00 26.76 ? 2   DA  B N1    1 
ATOM   180 C  C2    . DA  B 1 2 ? 4.219   -4.104  0.356   1.00 29.17 ? 2   DA  B C2    1 
ATOM   181 N  N3    . DA  B 1 2 ? 4.960   -4.501  -0.694  1.00 27.98 ? 2   DA  B N3    1 
ATOM   182 C  C4    . DA  B 1 2 ? 5.975   -3.712  -0.854  1.00 26.88 ? 2   DA  B C4    1 
ATOM   183 P  P     . DA  B 1 3 ? 5.947   -6.527  -6.591  1.00 47.01 ? 3   DA  B P     1 
ATOM   184 O  OP1   . DA  B 1 3 ? 6.142   -7.834  -7.226  1.00 48.70 ? 3   DA  B OP1   1 
ATOM   185 O  OP2   . DA  B 1 3 ? 6.378   -5.245  -7.203  1.00 46.71 ? 3   DA  B OP2   1 
ATOM   186 O  "O5'" . DA  B 1 3 ? 4.418   -6.462  -6.272  1.00 44.53 ? 3   DA  B "O5'" 1 
ATOM   187 C  "C5'" . DA  B 1 3 ? 3.883   -7.361  -5.377  1.00 42.79 ? 3   DA  B "C5'" 1 
ATOM   188 C  "C4'" . DA  B 1 3 ? 2.709   -6.639  -4.751  1.00 41.97 ? 3   DA  B "C4'" 1 
ATOM   189 O  "O4'" . DA  B 1 3 ? 3.095   -5.486  -3.969  1.00 40.68 ? 3   DA  B "O4'" 1 
ATOM   190 C  "C3'" . DA  B 1 3 ? 1.801   -6.041  -5.787  1.00 40.77 ? 3   DA  B "C3'" 1 
ATOM   191 O  "O3'" . DA  B 1 3 ? 0.624   -6.776  -5.579  1.00 42.21 ? 3   DA  B "O3'" 1 
ATOM   192 C  "C2'" . DA  B 1 3 ? 1.728   -4.557  -5.397  1.00 38.71 ? 3   DA  B "C2'" 1 
ATOM   193 C  "C1'" . DA  B 1 3 ? 2.030   -4.601  -3.921  1.00 35.64 ? 3   DA  B "C1'" 1 
ATOM   194 N  N9    . DA  B 1 3 ? 2.662   -3.434  -3.333  1.00 31.32 ? 3   DA  B N9    1 
ATOM   195 C  C8    . DA  B 1 3 ? 3.772   -2.809  -3.809  1.00 30.47 ? 3   DA  B C8    1 
ATOM   196 N  N7    . DA  B 1 3 ? 4.160   -1.779  -3.080  1.00 28.61 ? 3   DA  B N7    1 
ATOM   197 C  C5    . DA  B 1 3 ? 3.238   -1.755  -2.070  1.00 25.91 ? 3   DA  B C5    1 
ATOM   198 C  C6    . DA  B 1 3 ? 3.115   -0.891  -0.982  1.00 25.57 ? 3   DA  B C6    1 
ATOM   199 N  N6    . DA  B 1 3 ? 3.978   0.094   -0.808  1.00 25.87 ? 3   DA  B N6    1 
ATOM   200 N  N1    . DA  B 1 3 ? 2.112   -1.071  -0.098  1.00 25.62 ? 3   DA  B N1    1 
ATOM   201 C  C2    . DA  B 1 3 ? 1.264   -2.093  -0.345  1.00 28.34 ? 3   DA  B C2    1 
ATOM   202 N  N3    . DA  B 1 3 ? 1.287   -2.978  -1.353  1.00 28.52 ? 3   DA  B N3    1 
ATOM   203 C  C4    . DA  B 1 3 ? 2.313   -2.753  -2.191  1.00 27.69 ? 3   DA  B C4    1 
ATOM   204 P  P     . DT  B 1 4 ? -0.651  -6.383  -6.407  1.00 43.03 ? 4   DT  B P     1 
ATOM   205 O  OP1   . DT  B 1 4 ? -1.590  -7.507  -6.429  1.00 42.02 ? 4   DT  B OP1   1 
ATOM   206 O  OP2   . DT  B 1 4 ? -0.046  -5.840  -7.652  1.00 45.29 ? 4   DT  B OP2   1 
ATOM   207 O  "O5'" . DT  B 1 4 ? -1.251  -5.248  -5.491  1.00 40.32 ? 4   DT  B "O5'" 1 
ATOM   208 C  "C5'" . DT  B 1 4 ? -2.071  -5.737  -4.497  1.00 39.66 ? 4   DT  B "C5'" 1 
ATOM   209 C  "C4'" . DT  B 1 4 ? -2.579  -4.587  -3.687  1.00 39.31 ? 4   DT  B "C4'" 1 
ATOM   210 O  "O4'" . DT  B 1 4 ? -1.528  -3.625  -3.586  1.00 38.36 ? 4   DT  B "O4'" 1 
ATOM   211 C  "C3'" . DT  B 1 4 ? -3.624  -3.839  -4.452  1.00 40.40 ? 4   DT  B "C3'" 1 
ATOM   212 O  "O3'" . DT  B 1 4 ? -4.805  -3.847  -3.704  1.00 44.25 ? 4   DT  B "O3'" 1 
ATOM   213 C  "C2'" . DT  B 1 4 ? -3.063  -2.421  -4.652  1.00 38.02 ? 4   DT  B "C2'" 1 
ATOM   214 C  "C1'" . DT  B 1 4 ? -2.103  -2.356  -3.503  1.00 32.77 ? 4   DT  B "C1'" 1 
ATOM   215 N  N1    . DT  B 1 4 ? -0.983  -1.408  -3.586  1.00 25.59 ? 4   DT  B N1    1 
ATOM   216 C  C2    . DT  B 1 4 ? -0.924  -0.509  -2.574  1.00 24.51 ? 4   DT  B C2    1 
ATOM   217 O  O2    . DT  B 1 4 ? -1.748  -0.466  -1.698  1.00 29.09 ? 4   DT  B O2    1 
ATOM   218 N  N3    . DT  B 1 4 ? 0.076   0.369   -2.556  1.00 21.27 ? 4   DT  B N3    1 
ATOM   219 C  C4    . DT  B 1 4 ? 1.040   0.398   -3.491  1.00 24.31 ? 4   DT  B C4    1 
ATOM   220 O  O4    . DT  B 1 4 ? 1.956   1.221   -3.476  1.00 28.08 ? 4   DT  B O4    1 
ATOM   221 C  C5    . DT  B 1 4 ? 0.950   -0.564  -4.541  1.00 23.68 ? 4   DT  B C5    1 
ATOM   222 C  C7    . DT  B 1 4 ? 2.041   -0.453  -5.569  1.00 23.70 ? 4   DT  B C7    1 
ATOM   223 C  C6    . DT  B 1 4 ? -0.047  -1.450  -4.564  1.00 22.83 ? 4   DT  B C6    1 
ATOM   224 P  P     . DT  B 1 5 ? -6.146  -3.396  -4.499  1.00 48.66 ? 5   DT  B P     1 
ATOM   225 O  OP1   . DT  B 1 5 ? -7.273  -4.243  -4.023  1.00 48.13 ? 5   DT  B OP1   1 
ATOM   226 O  OP2   . DT  B 1 5 ? -5.861  -3.286  -5.970  1.00 46.53 ? 5   DT  B OP2   1 
ATOM   227 O  "O5'" . DT  B 1 5 ? -6.284  -1.971  -3.776  1.00 45.48 ? 5   DT  B "O5'" 1 
ATOM   228 C  "C5'" . DT  B 1 5 ? -6.454  -2.026  -2.376  1.00 42.20 ? 5   DT  B "C5'" 1 
ATOM   229 C  "C4'" . DT  B 1 5 ? -6.525  -0.604  -1.942  1.00 39.77 ? 5   DT  B "C4'" 1 
ATOM   230 O  "O4'" . DT  B 1 5 ? -5.217  -0.048  -2.198  1.00 36.46 ? 5   DT  B "O4'" 1 
ATOM   231 C  "C3'" . DT  B 1 5 ? -7.484  0.165   -2.824  1.00 39.25 ? 5   DT  B "C3'" 1 
ATOM   232 O  "O3'" . DT  B 1 5 ? -8.497  0.790   -2.039  1.00 45.21 ? 5   DT  B "O3'" 1 
ATOM   233 C  "C2'" . DT  B 1 5 ? -6.574  1.181   -3.504  1.00 35.10 ? 5   DT  B "C2'" 1 
ATOM   234 C  "C1'" . DT  B 1 5 ? -5.401  1.280   -2.545  1.00 30.45 ? 5   DT  B "C1'" 1 
ATOM   235 N  N1    . DT  B 1 5 ? -4.162  1.731   -3.172  1.00 24.10 ? 5   DT  B N1    1 
ATOM   236 C  C2    . DT  B 1 5 ? -3.461  2.730   -2.566  1.00 23.11 ? 5   DT  B C2    1 
ATOM   237 O  O2    . DT  B 1 5 ? -3.833  3.251   -1.529  1.00 27.79 ? 5   DT  B O2    1 
ATOM   238 N  N3    . DT  B 1 5 ? -2.314  3.115   -3.190  1.00 18.46 ? 5   DT  B N3    1 
ATOM   239 C  C4    . DT  B 1 5 ? -1.839  2.581   -4.354  1.00 17.29 ? 5   DT  B C4    1 
ATOM   240 O  O4    . DT  B 1 5 ? -0.814  2.960   -4.890  1.00 17.98 ? 5   DT  B O4    1 
ATOM   241 C  C5    . DT  B 1 5 ? -2.611  1.550   -4.919  1.00 17.03 ? 5   DT  B C5    1 
ATOM   242 C  C7    . DT  B 1 5 ? -2.113  0.940   -6.179  1.00 19.82 ? 5   DT  B C7    1 
ATOM   243 C  C6    . DT  B 1 5 ? -3.726  1.164   -4.327  1.00 19.98 ? 5   DT  B C6    1 
ATOM   244 P  P     . DC  B 1 6 ? -9.719  1.598   -2.720  1.00 49.17 ? 6   DC  B P     1 
ATOM   245 O  OP1   . DC  B 1 6 ? -10.902 1.390   -1.850  1.00 49.86 ? 6   DC  B OP1   1 
ATOM   246 O  OP2   . DC  B 1 6 ? -9.820  1.253   -4.160  1.00 48.53 ? 6   DC  B OP2   1 
ATOM   247 O  "O5'" . DC  B 1 6 ? -9.214  3.091   -2.488  1.00 44.43 ? 6   DC  B "O5'" 1 
ATOM   248 C  "C5'" . DC  B 1 6 ? -8.942  3.478   -1.153  1.00 41.84 ? 6   DC  B "C5'" 1 
ATOM   249 C  "C4'" . DC  B 1 6 ? -8.476  4.929   -1.174  1.00 41.24 ? 6   DC  B "C4'" 1 
ATOM   250 O  "O4'" . DC  B 1 6 ? -7.184  5.087   -1.840  1.00 38.93 ? 6   DC  B "O4'" 1 
ATOM   251 C  "C3'" . DC  B 1 6 ? -9.378  5.935   -1.887  1.00 39.62 ? 6   DC  B "C3'" 1 
ATOM   252 O  "O3'" . DC  B 1 6 ? -9.139  7.243   -1.318  1.00 39.70 ? 6   DC  B "O3'" 1 
ATOM   253 C  "C2'" . DC  B 1 6 ? -8.854  5.804   -3.317  1.00 37.89 ? 6   DC  B "C2'" 1 
ATOM   254 C  "C1'" . DC  B 1 6 ? -7.352  5.814   -3.028  1.00 33.91 ? 6   DC  B "C1'" 1 
ATOM   255 N  N1    . DC  B 1 6 ? -6.401  5.315   -4.092  1.00 27.28 ? 6   DC  B N1    1 
ATOM   256 C  C2    . DC  B 1 6 ? -5.183  5.950   -4.099  1.00 25.75 ? 6   DC  B C2    1 
ATOM   257 O  O2    . DC  B 1 6 ? -4.959  6.819   -3.251  1.00 26.93 ? 6   DC  B O2    1 
ATOM   258 N  N3    . DC  B 1 6 ? -4.268  5.623   -5.015  1.00 24.46 ? 6   DC  B N3    1 
ATOM   259 C  C4    . DC  B 1 6 ? -4.550  4.680   -5.902  1.00 24.84 ? 6   DC  B C4    1 
ATOM   260 N  N4    . DC  B 1 6 ? -3.572  4.394   -6.776  1.00 25.37 ? 6   DC  B N4    1 
ATOM   261 C  C5    . DC  B 1 6 ? -5.796  4.005   -5.928  1.00 22.49 ? 6   DC  B C5    1 
ATOM   262 C  C6    . DC  B 1 6 ? -6.686  4.361   -5.005  1.00 24.60 ? 6   DC  B C6    1 
ATOM   263 P  P     . DG  B 1 7 ? -10.326 8.282   -1.160  1.00 39.07 ? 7   DG  B P     1 
ATOM   264 O  OP1   . DG  B 1 7 ? -9.863  9.382   -0.303  1.00 37.93 ? 7   DG  B OP1   1 
ATOM   265 O  OP2   . DG  B 1 7 ? -11.573 7.509   -0.974  1.00 39.05 ? 7   DG  B OP2   1 
ATOM   266 O  "O5'" . DG  B 1 7 ? -10.255 8.781   -2.643  1.00 41.47 ? 7   DG  B "O5'" 1 
ATOM   267 C  "C5'" . DG  B 1 7 ? -9.004  9.386   -2.935  1.00 43.31 ? 7   DG  B "C5'" 1 
ATOM   268 C  "C4'" . DG  B 1 7 ? -9.047  10.095  -4.264  1.00 42.89 ? 7   DG  B "C4'" 1 
ATOM   269 O  "O4'" . DG  B 1 7 ? -9.730  9.281   -5.247  1.00 41.63 ? 7   DG  B "O4'" 1 
ATOM   270 C  "C3'" . DG  B 1 7 ? -9.778  11.408  -4.147  1.00 42.52 ? 7   DG  B "C3'" 1 
ATOM   271 O  "O3'" . DG  B 1 7 ? -9.127  12.361  -4.938  1.00 44.57 ? 7   DG  B "O3'" 1 
ATOM   272 C  "C2'" . DG  B 1 7 ? -11.152 11.100  -4.704  1.00 42.41 ? 7   DG  B "C2'" 1 
ATOM   273 C  "C1'" . DG  B 1 7 ? -11.019 9.763   -5.422  1.00 41.21 ? 7   DG  B "C1'" 1 
ATOM   274 N  N9    . DG  B 1 7 ? -11.926 8.768   -4.893  1.00 42.51 ? 7   DG  B N9    1 
ATOM   275 C  C8    . DG  B 1 7 ? -12.985 8.984   -4.049  1.00 44.30 ? 7   DG  B C8    1 
ATOM   276 N  N7    . DG  B 1 7 ? -13.656 7.912   -3.767  1.00 45.65 ? 7   DG  B N7    1 
ATOM   277 C  C5    . DG  B 1 7 ? -12.982 6.943   -4.467  1.00 45.71 ? 7   DG  B C5    1 
ATOM   278 C  C6    . DG  B 1 7 ? -13.274 5.573   -4.531  1.00 47.65 ? 7   DG  B C6    1 
ATOM   279 O  O6    . DG  B 1 7 ? -14.214 5.017   -3.920  1.00 51.85 ? 7   DG  B O6    1 
ATOM   280 N  N1    . DG  B 1 7 ? -12.391 4.877   -5.366  1.00 44.62 ? 7   DG  B N1    1 
ATOM   281 C  C2    . DG  B 1 7 ? -11.344 5.489   -6.022  1.00 44.45 ? 7   DG  B C2    1 
ATOM   282 N  N2    . DG  B 1 7 ? -10.564 4.706   -6.781  1.00 44.90 ? 7   DG  B N2    1 
ATOM   283 N  N3    . DG  B 1 7 ? -11.059 6.784   -5.955  1.00 43.71 ? 7   DG  B N3    1 
ATOM   284 C  C4    . DG  B 1 7 ? -11.926 7.443   -5.166  1.00 43.72 ? 7   DG  B C4    1 
HETATM 285 NI NI    . NI  C 2 . ? 1.550   5.826   -8.779  0.70 38.14 ? 101 NI  A NI    1 
HETATM 286 NI NI    . NI  D 2 . ? -0.670  -16.059 7.607   0.70 48.90 ? 103 NI  A NI    1 
HETATM 287 NI NI    . NI  E 2 . ? 8.780   -0.843  5.081   0.70 43.77 ? 102 NI  B NI    1 
HETATM 288 NI NI    . NI  F 2 . ? -15.013 8.652   -2.531  0.70 44.08 ? 104 NI  B NI    1 
HETATM 289 O  O     . HOH G 3 . ? 0.606   4.354   -9.787  0.70 37.85 ? 102 HOH A O     1 
HETATM 290 O  O     . HOH G 3 . ? -1.472  -15.544 9.385   0.70 48.07 ? 109 HOH A O     1 
HETATM 291 O  O     . HOH G 3 . ? 2.552   4.350   -7.934  0.70 37.61 ? 110 HOH A O     1 
HETATM 292 O  O     . HOH G 3 . ? 3.206   6.560   -7.945  0.70 38.10 ? 111 HOH A O     1 
HETATM 293 O  O     . HOH G 3 . ? 1.458   7.820   -8.879  0.70 37.58 ? 112 HOH A O     1 
HETATM 294 O  O     . HOH G 3 . ? 2.590   5.994   -10.498 0.70 37.86 ? 113 HOH A O     1 
HETATM 295 O  O     . HOH G 3 . ? -1.381  -17.293 6.188   0.70 48.59 ? 119 HOH A O     1 
HETATM 296 O  O     . HOH G 3 . ? 0.819   -15.761 6.267   0.70 48.30 ? 120 HOH A O     1 
HETATM 297 O  O     . HOH G 3 . ? 0.440   -17.658 8.123   0.70 48.48 ? 121 HOH A O     1 
HETATM 298 O  O     . HOH G 3 . ? -1.691  -14.450 6.953   0.70 48.37 ? 122 HOH A O     1 
HETATM 299 O  O     . HOH H 3 . ? -14.526 10.509  -3.130  0.70 43.36 ? 101 HOH B O     1 
HETATM 300 O  O     . HOH H 3 . ? -14.277 9.282   -0.760  0.70 43.34 ? 103 HOH B O     1 
HETATM 301 O  O     . HOH H 3 . ? 7.658   -1.152  6.718   0.70 43.10 ? 114 HOH B O     1 
HETATM 302 O  O     . HOH H 3 . ? 8.315   1.082   4.800   0.70 44.04 ? 115 HOH B O     1 
HETATM 303 O  O     . HOH H 3 . ? 9.820   -2.424  5.712   0.70 44.11 ? 116 HOH B O     1 
HETATM 304 O  O     . HOH H 3 . ? 9.677   0.554   6.243   0.70 43.62 ? 117 HOH B O     1 
HETATM 305 O  O     . HOH H 3 . ? 10.327  -0.431  3.841   0.70 43.54 ? 118 HOH B O     1 
HETATM 306 O  O     . HOH H 3 . ? -15.495 7.420   -4.033  0.70 42.72 ? 123 HOH B O     1 
HETATM 307 O  O     . HOH H 3 . ? -16.896 9.278   -2.722  0.70 43.46 ? 124 HOH B O     1 
HETATM 308 O  O     . HOH H 3 . ? -15.758 6.818   -2.501  0.70 42.51 ? 125 HOH B O     1 
# 
